data_1U0H
#
_entry.id   1U0H
#
_cell.length_a   118.400
_cell.length_b   133.000
_cell.length_c   70.400
_cell.angle_alpha   90.00
_cell.angle_beta   90.00
_cell.angle_gamma   90.00
#
_symmetry.space_group_name_H-M   'P 21 21 2'
#
loop_
_entity.id
_entity.type
_entity.pdbx_description
1 polymer 'Adenylate cyclase, type V'
2 polymer 'Adenylate cyclase, type II'
3 polymer 'Guanine nucleotide-binding protein G(s), alpha subunit'
4 non-polymer 'MAGNESIUM ION'
5 non-polymer FORSKOLIN
6 non-polymer "3'-O-(N-METHYLANTHRANILOYL)-GUANOSINE-5'-TRIPHOSPHATE"
7 non-polymer 'CHLORIDE ION'
8 non-polymer "5'-GUANOSINE-DIPHOSPHATE-MONOTHIOPHOSPHATE"
9 water water
#
loop_
_entity_poly.entity_id
_entity_poly.type
_entity_poly.pdbx_seq_one_letter_code
_entity_poly.pdbx_strand_id
1 'polypeptide(L)'
;MHHHHHHAMEMKADINAKQEDMMFHKIYIQKHDNVSILFADIEGFTSLASQCTAQELVMTLNELFARFDKLAAENHCLRI
KILGDCYYCVSGLPEARADHAHCCVEMGMDMIEAISLVREMTGVNVNMRVGIHSGRVHCGVLGLRKWQFDVWSNDVTLAN
HMEAGGKAGRIHITKATLSYLNGDYEVEPGCGGERNAYLKEHSIETFLILRCTQKRKEEKAMIAK
;
A
2 'polypeptide(L)'
;RSLKNEELYHQSYDCVCVMFASIPDFKEFYTESDVNKEGLECLRLLNEIIADFDDLLSKPKFSGVEKIKTIGSTYMAATG
LSAIPSQEHAQEPERQYMHIGTMVEFAYALVGKLDAINKHSFNDFKLRVGINHGPVIAGVIGAQKPQYDIWGNTVNVASR
MDSTGVLDKIQVTEETSLILQTLGYTCTCRGIINVKGKGDLKTYFVNTEMSR
;
B
3 'polypeptide(L)'
;MGCLGNSKTEDQRNEEKAQREANKKIEKQLQKDKQVYRATHRLLLLGAGESGKSTIVKQMRILHVNGFNGEGGEEDPQAA
RSNSDGEKATKVQDIKNNLKEAIETIVAAMSNLVPPVELANPENQFRVDYILSVMNVPDFDFPPEFYEHAKALWEDEGVR
ACYERSNEYQLIDCAQYFLDKIDVIKQDDYVPSDQDLLRCRVLTSGIFETKFQVDKVNFHMFDVGGQRDERRKWIQCFND
VTAIIFVVASSSYNMVIREDNQTNRLQEALNLFKSIWNNRWLRTISVILFLNKQDLLAEKVLAGKSKIEDYFPEFARYTT
PEDATPEPGEDPRVTRAKYFIRDEFLRISTASGDGRHYCYPHFTCAVDTENIRRVFNDCRDIIQRMHLRQYELL
;
C
#
loop_
_chem_comp.id
_chem_comp.type
_chem_comp.name
_chem_comp.formula
CL non-polymer 'CHLORIDE ION' 'Cl -1'
FOK non-polymer FORSKOLIN 'C22 H34 O7'
GSP non-polymer 5'-GUANOSINE-DIPHOSPHATE-MONOTHIOPHOSPHATE 'C10 H16 N5 O13 P3 S'
MG non-polymer 'MAGNESIUM ION' 'Mg 2'
ONM non-polymer 3'-O-(N-METHYLANTHRANILOYL)-GUANOSINE-5'-TRIPHOSPHATE 'C18 H23 N6 O15 P3'
#
# COMPACT_ATOMS: atom_id res chain seq x y z
N MET A 22 5.06 -18.22 10.47
CA MET A 22 5.67 -19.12 9.43
C MET A 22 5.78 -18.42 8.06
N MET A 23 4.69 -17.81 7.58
CA MET A 23 4.69 -17.12 6.29
C MET A 23 5.40 -15.77 6.33
N PHE A 24 4.95 -14.90 7.22
CA PHE A 24 5.58 -13.61 7.38
C PHE A 24 6.51 -13.77 8.58
N HIS A 25 7.54 -12.95 8.67
CA HIS A 25 8.44 -13.04 9.81
C HIS A 25 7.60 -12.63 11.01
N LYS A 26 7.88 -13.23 12.16
CA LYS A 26 7.15 -12.87 13.37
C LYS A 26 7.44 -11.40 13.59
N ILE A 27 6.40 -10.59 13.77
CA ILE A 27 6.63 -9.17 14.02
C ILE A 27 6.53 -8.92 15.52
N TYR A 28 7.46 -8.15 16.06
CA TYR A 28 7.44 -7.84 17.48
C TYR A 28 6.84 -6.45 17.71
N ILE A 29 5.56 -6.31 17.39
CA ILE A 29 4.86 -5.03 17.55
C ILE A 29 3.61 -5.26 18.38
N GLN A 30 3.02 -4.16 18.85
CA GLN A 30 1.82 -4.23 19.66
C GLN A 30 1.15 -2.88 19.77
N LYS A 31 -0.15 -2.85 19.47
CA LYS A 31 -0.93 -1.63 19.54
C LYS A 31 -1.06 -1.17 20.98
N HIS A 32 -0.99 0.13 21.20
CA HIS A 32 -1.10 0.72 22.52
C HIS A 32 -1.89 2.02 22.47
N ASP A 33 -3.15 1.96 22.89
CA ASP A 33 -4.01 3.14 22.87
C ASP A 33 -3.84 4.05 24.08
N ASN A 34 -4.38 5.27 24.00
CA ASN A 34 -4.27 6.23 25.10
C ASN A 34 -2.82 6.39 25.60
N VAL A 35 -2.03 7.14 24.84
CA VAL A 35 -0.62 7.40 25.18
C VAL A 35 -0.26 8.78 24.66
N SER A 36 0.70 9.45 25.29
CA SER A 36 1.10 10.77 24.84
C SER A 36 2.50 10.70 24.27
N ILE A 37 2.72 11.34 23.13
CA ILE A 37 4.00 11.33 22.44
C ILE A 37 4.68 12.70 22.41
N LEU A 38 5.96 12.72 22.78
CA LEU A 38 6.70 13.98 22.81
C LEU A 38 7.97 13.99 21.97
N PHE A 39 8.18 15.09 21.26
CA PHE A 39 9.35 15.29 20.41
C PHE A 39 10.05 16.59 20.78
N ALA A 40 11.38 16.63 20.66
CA ALA A 40 12.14 17.84 20.98
C ALA A 40 13.27 18.04 19.97
N ASP A 41 13.66 19.30 19.76
CA ASP A 41 14.71 19.60 18.80
C ASP A 41 15.57 20.80 19.23
N ILE A 42 16.88 20.62 19.15
CA ILE A 42 17.81 21.68 19.51
C ILE A 42 17.69 22.77 18.44
N GLU A 43 16.65 23.59 18.53
CA GLU A 43 16.45 24.65 17.54
C GLU A 43 17.76 25.33 17.18
N GLY A 44 18.02 25.42 15.87
CA GLY A 44 19.25 26.04 15.41
C GLY A 44 20.44 25.25 15.88
N PHE A 45 20.49 23.98 15.48
CA PHE A 45 21.58 23.10 15.86
C PHE A 45 22.82 23.39 15.05
N THR A 46 22.64 23.59 13.75
CA THR A 46 23.76 23.88 12.88
C THR A 46 24.28 25.30 13.09
N SER A 47 23.44 26.17 13.63
CA SER A 47 23.84 27.55 13.88
C SER A 47 24.93 27.52 14.95
N LEU A 48 24.92 26.47 15.76
CA LEU A 48 25.91 26.31 16.82
C LEU A 48 26.92 25.26 16.37
N ALA A 49 26.48 24.38 15.48
CA ALA A 49 27.34 23.31 14.97
C ALA A 49 28.44 23.89 14.09
N SER A 50 28.43 25.19 13.89
CA SER A 50 29.43 25.83 13.05
C SER A 50 30.46 26.60 13.85
N GLN A 51 30.45 26.44 15.18
CA GLN A 51 31.42 27.13 16.04
C GLN A 51 32.07 26.16 17.02
N CYS A 52 31.39 25.06 17.31
CA CYS A 52 31.90 24.07 18.25
C CYS A 52 32.63 22.94 17.54
N THR A 53 33.74 22.51 18.12
CA THR A 53 34.54 21.42 17.54
C THR A 53 33.56 20.26 17.27
N ALA A 54 33.88 19.43 16.28
CA ALA A 54 33.01 18.31 15.95
C ALA A 54 32.71 17.49 17.21
N GLN A 55 33.69 17.42 18.10
CA GLN A 55 33.56 16.66 19.34
C GLN A 55 32.75 17.38 20.42
N GLU A 56 33.04 18.65 20.63
CA GLU A 56 32.34 19.44 21.65
C GLU A 56 30.83 19.38 21.46
N LEU A 57 30.40 19.19 20.22
CA LEU A 57 28.97 19.08 19.90
C LEU A 57 28.45 17.73 20.37
N VAL A 58 29.24 16.68 20.14
CA VAL A 58 28.89 15.32 20.51
C VAL A 58 28.85 15.15 22.02
N MET A 59 29.74 15.85 22.72
CA MET A 59 29.78 15.80 24.17
C MET A 59 28.58 16.57 24.68
N THR A 60 28.38 17.76 24.13
CA THR A 60 27.25 18.62 24.50
C THR A 60 25.95 17.86 24.33
N LEU A 61 25.80 17.28 23.15
CA LEU A 61 24.62 16.49 22.81
C LEU A 61 24.43 15.35 23.81
N ASN A 62 25.50 14.59 24.07
CA ASN A 62 25.44 13.46 24.99
C ASN A 62 25.22 13.95 26.41
N GLU A 63 25.83 15.09 26.72
CA GLU A 63 25.69 15.70 28.02
C GLU A 63 24.19 15.89 28.22
N LEU A 64 23.61 16.67 27.31
CA LEU A 64 22.19 16.99 27.32
C LEU A 64 21.30 15.80 27.56
N PHE A 65 21.25 14.90 26.57
CA PHE A 65 20.42 13.71 26.65
C PHE A 65 20.68 12.82 27.85
N ALA A 66 21.85 12.98 28.45
CA ALA A 66 22.18 12.18 29.63
C ALA A 66 21.22 12.65 30.71
N ARG A 67 21.12 13.97 30.82
CA ARG A 67 20.25 14.63 31.79
C ARG A 67 18.80 14.32 31.45
N PHE A 68 18.48 14.39 30.15
CA PHE A 68 17.13 14.13 29.65
C PHE A 68 16.63 12.78 30.11
N ASP A 69 17.36 11.73 29.73
CA ASP A 69 17.00 10.37 30.09
C ASP A 69 16.67 10.25 31.57
N LYS A 70 17.42 10.97 32.42
CA LYS A 70 17.19 10.97 33.87
C LYS A 70 15.79 11.55 34.09
N LEU A 71 15.59 12.76 33.57
CA LEU A 71 14.32 13.45 33.68
C LEU A 71 13.22 12.51 33.19
N ALA A 72 13.50 11.87 32.06
CA ALA A 72 12.57 10.94 31.43
C ALA A 72 12.00 9.84 32.30
N ALA A 73 12.89 9.13 33.00
CA ALA A 73 12.51 8.02 33.89
C ALA A 73 11.73 8.50 35.11
N GLU A 74 12.00 9.74 35.51
CA GLU A 74 11.30 10.33 36.65
C GLU A 74 9.85 10.57 36.25
N ASN A 75 9.67 11.37 35.21
CA ASN A 75 8.34 11.72 34.73
C ASN A 75 7.57 10.58 34.10
N HIS A 76 7.94 9.35 34.40
CA HIS A 76 7.24 8.18 33.88
C HIS A 76 7.21 8.12 32.34
N CYS A 77 8.16 8.80 31.72
CA CYS A 77 8.28 8.82 30.26
C CYS A 77 9.12 7.64 29.83
N LEU A 78 9.41 7.56 28.55
CA LEU A 78 10.23 6.47 28.04
C LEU A 78 10.96 6.89 26.79
N ARG A 79 12.26 7.18 26.94
CA ARG A 79 13.05 7.58 25.78
C ARG A 79 12.87 6.46 24.74
N ILE A 80 12.58 6.87 23.51
CA ILE A 80 12.37 5.90 22.46
C ILE A 80 13.60 5.78 21.56
N LYS A 81 14.14 6.92 21.16
CA LYS A 81 15.31 6.91 20.28
C LYS A 81 15.88 8.33 20.20
N ILE A 82 17.19 8.43 19.97
CA ILE A 82 17.81 9.73 19.85
C ILE A 82 18.30 9.88 18.43
N LEU A 83 17.83 10.92 17.76
CA LEU A 83 18.22 11.19 16.38
C LEU A 83 18.91 12.55 16.31
N GLY A 84 20.22 12.57 16.49
CA GLY A 84 20.94 13.83 16.44
C GLY A 84 20.40 14.76 17.52
N ASP A 85 19.86 15.90 17.10
CA ASP A 85 19.31 16.88 18.04
C ASP A 85 17.82 16.62 18.36
N CYS A 86 17.25 15.60 17.73
CA CYS A 86 15.85 15.25 17.94
C CYS A 86 15.68 14.12 18.96
N TYR A 87 15.14 14.48 20.11
CA TYR A 87 14.91 13.54 21.18
C TYR A 87 13.41 13.32 21.29
N TYR A 88 12.98 12.08 21.41
CA TYR A 88 11.56 11.83 21.57
C TYR A 88 11.26 10.61 22.41
N CYS A 89 10.40 10.83 23.40
CA CYS A 89 9.99 9.76 24.29
C CYS A 89 8.49 9.68 24.24
N VAL A 90 7.91 8.96 25.17
CA VAL A 90 6.46 8.81 25.20
C VAL A 90 6.05 8.31 26.57
N SER A 91 4.83 8.64 26.95
CA SER A 91 4.32 8.18 28.21
C SER A 91 3.10 7.32 27.91
N GLY A 92 2.77 6.44 28.84
CA GLY A 92 1.64 5.55 28.61
C GLY A 92 2.20 4.15 28.47
N LEU A 93 3.52 4.08 28.37
CA LEU A 93 4.22 2.81 28.24
C LEU A 93 5.40 2.72 29.21
N PRO A 94 5.88 1.48 29.49
CA PRO A 94 5.42 0.20 28.95
C PRO A 94 4.06 -0.20 29.47
N GLU A 95 3.86 0.02 30.76
CA GLU A 95 2.59 -0.30 31.40
C GLU A 95 1.71 0.93 31.29
N ALA A 96 0.49 0.72 30.82
CA ALA A 96 -0.48 1.80 30.62
C ALA A 96 -0.83 2.63 31.86
N ARG A 97 -0.38 3.89 31.86
CA ARG A 97 -0.66 4.82 32.95
C ARG A 97 -1.67 5.87 32.44
N ALA A 98 -2.85 5.90 33.05
CA ALA A 98 -3.89 6.85 32.65
C ALA A 98 -3.44 8.31 32.74
N ASP A 99 -2.30 8.53 33.38
CA ASP A 99 -1.76 9.88 33.56
C ASP A 99 -0.80 10.25 32.43
N HIS A 100 -0.89 9.53 31.32
CA HIS A 100 0.00 9.76 30.19
C HIS A 100 0.01 11.19 29.67
N ALA A 101 -0.96 12.00 30.08
CA ALA A 101 -1.01 13.38 29.62
C ALA A 101 0.00 14.29 30.30
N HIS A 102 -0.05 14.36 31.62
CA HIS A 102 0.85 15.23 32.39
C HIS A 102 2.31 14.83 32.28
N CYS A 103 2.57 13.53 32.20
CA CYS A 103 3.94 13.04 32.11
C CYS A 103 4.76 13.78 31.05
N CYS A 104 4.28 13.74 29.80
CA CYS A 104 4.98 14.42 28.71
C CYS A 104 5.05 15.92 28.92
N VAL A 105 3.98 16.51 29.46
CA VAL A 105 3.95 17.95 29.69
C VAL A 105 5.07 18.29 30.66
N GLU A 106 5.20 17.45 31.68
CA GLU A 106 6.24 17.64 32.65
C GLU A 106 7.56 17.46 31.95
N MET A 107 7.69 16.34 31.26
CA MET A 107 8.92 16.03 30.53
C MET A 107 9.29 17.25 29.68
N GLY A 108 8.31 17.77 28.95
CA GLY A 108 8.54 18.93 28.11
C GLY A 108 9.04 20.06 28.98
N MET A 109 8.46 20.18 30.16
CA MET A 109 8.88 21.24 31.09
C MET A 109 10.36 21.11 31.42
N ASP A 110 10.77 19.92 31.85
CA ASP A 110 12.15 19.64 32.23
C ASP A 110 13.13 19.89 31.08
N MET A 111 12.82 19.35 29.90
CA MET A 111 13.69 19.51 28.74
C MET A 111 13.92 20.99 28.41
N ILE A 112 12.97 21.83 28.82
CA ILE A 112 13.06 23.26 28.57
C ILE A 112 14.15 23.90 29.43
N GLU A 113 14.07 23.70 30.74
CA GLU A 113 15.05 24.26 31.66
C GLU A 113 16.40 23.58 31.43
N ALA A 114 16.36 22.26 31.31
CA ALA A 114 17.56 21.47 31.09
C ALA A 114 18.45 22.06 30.00
N ILE A 115 17.91 22.18 28.80
CA ILE A 115 18.66 22.72 27.67
C ILE A 115 19.21 24.11 27.97
N SER A 116 18.52 24.88 28.82
CA SER A 116 18.98 26.23 29.16
C SER A 116 20.23 26.18 30.02
N LEU A 117 20.29 25.21 30.93
CA LEU A 117 21.44 25.07 31.80
C LEU A 117 22.68 24.78 30.95
N VAL A 118 22.57 23.79 30.08
CA VAL A 118 23.67 23.40 29.21
C VAL A 118 23.88 24.44 28.11
N ARG A 119 22.87 25.28 27.88
CA ARG A 119 22.96 26.33 26.87
C ARG A 119 24.07 27.30 27.26
N GLU A 120 24.43 27.27 28.54
CA GLU A 120 25.46 28.13 29.11
C GLU A 120 26.83 27.53 28.78
N MET A 121 27.01 26.28 29.18
CA MET A 121 28.24 25.55 28.93
C MET A 121 28.53 25.48 27.43
N THR A 122 27.46 25.48 26.63
CA THR A 122 27.62 25.43 25.17
C THR A 122 28.13 26.79 24.69
N GLY A 123 27.95 27.81 25.52
CA GLY A 123 28.39 29.14 25.16
C GLY A 123 27.81 29.59 23.85
N VAL A 124 26.59 29.15 23.56
CA VAL A 124 25.93 29.52 22.31
C VAL A 124 24.40 29.50 22.45
N ASN A 125 23.74 30.30 21.61
CA ASN A 125 22.28 30.42 21.61
C ASN A 125 21.58 29.13 21.18
N VAL A 126 20.87 28.51 22.12
CA VAL A 126 20.12 27.29 21.80
C VAL A 126 18.81 27.24 22.57
N ASN A 127 17.90 26.40 22.10
CA ASN A 127 16.61 26.25 22.74
C ASN A 127 15.90 25.02 22.18
N MET A 128 15.02 24.43 23.00
CA MET A 128 14.27 23.27 22.58
C MET A 128 12.91 23.66 22.02
N ARG A 129 12.42 22.87 21.08
CA ARG A 129 11.14 23.10 20.45
C ARG A 129 10.37 21.82 20.72
N VAL A 130 9.45 21.87 21.69
CA VAL A 130 8.68 20.67 22.04
C VAL A 130 7.34 20.56 21.35
N GLY A 131 6.95 19.32 21.07
CA GLY A 131 5.68 19.05 20.43
C GLY A 131 5.06 17.85 21.12
N ILE A 132 3.77 17.90 21.42
CA ILE A 132 3.13 16.77 22.09
C ILE A 132 1.75 16.49 21.56
N HIS A 133 1.51 15.22 21.28
CA HIS A 133 0.21 14.79 20.80
C HIS A 133 -0.18 13.55 21.63
N SER A 134 -1.48 13.28 21.75
CA SER A 134 -1.96 12.12 22.50
C SER A 134 -2.89 11.28 21.65
N GLY A 135 -2.59 10.00 21.49
CA GLY A 135 -3.42 9.13 20.68
C GLY A 135 -3.02 7.68 20.92
N ARG A 136 -3.10 6.86 19.88
CA ARG A 136 -2.72 5.47 20.02
C ARG A 136 -1.51 5.20 19.14
N VAL A 137 -0.74 4.17 19.48
CA VAL A 137 0.44 3.83 18.72
C VAL A 137 0.54 2.35 18.44
N HIS A 138 1.70 1.99 17.90
CA HIS A 138 2.05 0.63 17.55
C HIS A 138 3.54 0.63 17.84
N CYS A 139 3.96 -0.01 18.92
CA CYS A 139 5.38 -0.01 19.21
C CYS A 139 6.02 -1.39 19.11
N GLY A 140 7.35 -1.39 19.05
CA GLY A 140 8.10 -2.63 18.94
C GLY A 140 9.44 -2.42 18.25
N VAL A 141 9.78 -3.38 17.39
CA VAL A 141 11.03 -3.34 16.64
C VAL A 141 10.83 -3.92 15.23
N LEU A 142 11.62 -3.43 14.28
CA LEU A 142 11.53 -3.88 12.90
C LEU A 142 12.73 -4.66 12.38
N GLY A 143 12.55 -5.31 11.23
CA GLY A 143 13.62 -6.08 10.63
C GLY A 143 14.03 -7.19 11.58
N LEU A 144 15.32 -7.46 11.65
CA LEU A 144 15.81 -8.52 12.54
C LEU A 144 17.21 -8.23 13.07
N ARG A 145 17.82 -7.16 12.59
CA ARG A 145 19.17 -6.83 13.02
C ARG A 145 19.25 -5.45 13.65
N LYS A 146 20.22 -5.30 14.55
CA LYS A 146 20.44 -4.04 15.27
C LYS A 146 19.16 -3.41 15.77
N TRP A 147 18.25 -4.26 16.25
CA TRP A 147 16.97 -3.80 16.78
C TRP A 147 17.03 -2.51 17.58
N GLN A 148 16.00 -1.69 17.45
CA GLN A 148 15.89 -0.46 18.21
C GLN A 148 14.42 -0.18 18.38
N PHE A 149 14.00 -0.13 19.64
CA PHE A 149 12.62 0.11 19.99
C PHE A 149 12.19 1.43 19.36
N ASP A 150 11.01 1.43 18.75
CA ASP A 150 10.50 2.62 18.10
C ASP A 150 8.97 2.60 18.20
N VAL A 151 8.31 3.59 17.60
CA VAL A 151 6.86 3.65 17.62
C VAL A 151 6.31 4.09 16.26
N TRP A 152 5.11 3.64 15.94
CA TRP A 152 4.49 3.95 14.66
C TRP A 152 2.97 4.11 14.70
N SER A 153 2.49 5.19 14.09
CA SER A 153 1.06 5.49 14.00
C SER A 153 0.92 6.87 13.39
N ASN A 154 -0.28 7.21 12.93
CA ASN A 154 -0.46 8.53 12.37
C ASN A 154 -0.25 9.52 13.50
N ASP A 155 -0.73 9.13 14.68
CA ASP A 155 -0.59 9.94 15.86
C ASP A 155 0.87 10.23 16.10
N VAL A 156 1.74 9.25 15.85
CA VAL A 156 3.17 9.45 16.06
C VAL A 156 3.67 10.51 15.07
N THR A 157 3.11 10.49 13.86
CA THR A 157 3.50 11.44 12.83
C THR A 157 3.09 12.85 13.21
N LEU A 158 1.85 12.98 13.68
CA LEU A 158 1.33 14.28 14.09
C LEU A 158 2.16 14.91 15.20
N ALA A 159 2.53 14.10 16.19
CA ALA A 159 3.35 14.58 17.32
C ALA A 159 4.66 15.17 16.82
N ASN A 160 5.27 14.49 15.85
CA ASN A 160 6.52 14.96 15.26
C ASN A 160 6.27 16.30 14.57
N HIS A 161 5.25 16.32 13.71
CA HIS A 161 4.86 17.52 12.98
C HIS A 161 4.50 18.63 13.92
N MET A 162 3.99 18.28 15.09
CA MET A 162 3.64 19.28 16.10
C MET A 162 4.95 19.93 16.54
N GLU A 163 5.91 19.09 16.91
CA GLU A 163 7.21 19.60 17.31
C GLU A 163 7.73 20.50 16.21
N ALA A 164 7.71 20.00 14.98
CA ALA A 164 8.20 20.77 13.84
C ALA A 164 7.53 22.15 13.76
N GLY A 165 6.23 22.21 14.03
CA GLY A 165 5.52 23.46 13.97
C GLY A 165 5.29 24.07 15.34
N GLY A 166 6.35 24.14 16.15
CA GLY A 166 6.24 24.72 17.48
C GLY A 166 7.04 26.00 17.65
N LYS A 167 7.20 26.43 18.90
CA LYS A 167 7.95 27.64 19.19
C LYS A 167 9.03 27.38 20.24
N ALA A 168 10.13 28.10 20.12
CA ALA A 168 11.25 27.97 21.05
C ALA A 168 10.78 28.15 22.47
N GLY A 169 11.30 27.32 23.38
CA GLY A 169 10.93 27.42 24.79
C GLY A 169 9.50 27.03 25.17
N ARG A 170 8.61 26.92 24.20
CA ARG A 170 7.23 26.56 24.51
C ARG A 170 6.93 25.12 24.17
N ILE A 171 5.90 24.58 24.81
CA ILE A 171 5.47 23.19 24.58
C ILE A 171 4.21 23.16 23.72
N HIS A 172 4.33 22.80 22.46
CA HIS A 172 3.18 22.75 21.57
C HIS A 172 2.39 21.47 21.77
N ILE A 173 1.06 21.57 21.87
CA ILE A 173 0.24 20.36 22.01
C ILE A 173 -1.01 20.38 21.14
N THR A 174 -1.69 19.23 21.08
CA THR A 174 -2.88 19.04 20.28
C THR A 174 -4.11 19.22 21.16
N LYS A 175 -5.27 19.36 20.54
CA LYS A 175 -6.51 19.49 21.31
C LYS A 175 -6.73 18.13 21.96
N ALA A 176 -6.16 17.10 21.36
CA ALA A 176 -6.26 15.74 21.87
C ALA A 176 -5.44 15.62 23.16
N THR A 177 -4.28 16.28 23.18
CA THR A 177 -3.40 16.25 24.35
C THR A 177 -4.00 17.09 25.48
N LEU A 178 -4.79 18.08 25.11
CA LEU A 178 -5.43 18.97 26.07
C LEU A 178 -6.64 18.35 26.74
N SER A 179 -7.29 17.43 26.03
CA SER A 179 -8.46 16.74 26.56
C SER A 179 -8.01 15.65 27.52
N TYR A 180 -6.71 15.60 27.78
CA TYR A 180 -6.15 14.61 28.68
C TYR A 180 -5.49 15.31 29.86
N LEU A 181 -5.41 16.64 29.80
CA LEU A 181 -4.79 17.42 30.87
C LEU A 181 -5.81 17.86 31.91
N ASN A 182 -7.09 17.62 31.62
CA ASN A 182 -8.17 17.97 32.54
C ASN A 182 -8.08 19.39 33.07
N GLY A 183 -7.89 20.35 32.15
CA GLY A 183 -7.81 21.75 32.52
C GLY A 183 -6.86 22.07 33.65
N ASP A 184 -5.69 21.42 33.64
CA ASP A 184 -4.70 21.64 34.68
C ASP A 184 -3.58 22.53 34.19
N TYR A 185 -3.68 22.97 32.95
CA TYR A 185 -2.65 23.84 32.41
C TYR A 185 -3.19 25.03 31.64
N GLU A 186 -2.56 26.17 31.85
CA GLU A 186 -2.92 27.41 31.19
C GLU A 186 -2.38 27.31 29.77
N VAL A 187 -3.26 27.47 28.79
CA VAL A 187 -2.82 27.37 27.40
C VAL A 187 -3.27 28.54 26.55
N GLU A 188 -2.70 28.61 25.35
CA GLU A 188 -3.04 29.65 24.40
C GLU A 188 -3.00 29.05 23.00
N PRO A 189 -3.62 29.73 22.02
CA PRO A 189 -3.66 29.26 20.63
C PRO A 189 -2.27 29.07 20.04
N GLY A 190 -1.99 27.84 19.61
CA GLY A 190 -0.71 27.55 19.01
C GLY A 190 -0.68 27.98 17.56
N CYS A 191 -1.85 27.97 16.92
CA CYS A 191 -1.96 28.38 15.52
C CYS A 191 -0.91 27.62 14.70
N GLY A 192 -0.74 26.34 15.01
CA GLY A 192 0.24 25.54 14.30
C GLY A 192 -0.07 25.44 12.82
N GLY A 193 -1.34 25.63 12.48
CA GLY A 193 -1.74 25.55 11.09
C GLY A 193 -0.93 26.49 10.23
N GLU A 194 -0.46 27.58 10.82
CA GLU A 194 0.29 28.59 10.09
C GLU A 194 1.81 28.39 10.16
N ARG A 195 2.25 27.51 11.05
CA ARG A 195 3.67 27.27 11.17
C ARG A 195 4.11 26.00 10.45
N ASN A 196 3.27 24.97 10.49
CA ASN A 196 3.60 23.73 9.80
C ASN A 196 2.48 23.37 8.83
N ALA A 197 2.86 23.02 7.61
CA ALA A 197 1.90 22.66 6.58
C ALA A 197 1.00 21.49 7.00
N TYR A 198 1.60 20.40 7.47
CA TYR A 198 0.84 19.22 7.88
C TYR A 198 -0.29 19.52 8.84
N LEU A 199 -0.04 20.44 9.77
CA LEU A 199 -1.06 20.81 10.74
C LEU A 199 -2.17 21.55 10.00
N LYS A 200 -1.77 22.42 9.09
CA LYS A 200 -2.70 23.19 8.27
C LYS A 200 -3.59 22.22 7.48
N GLU A 201 -2.95 21.38 6.68
CA GLU A 201 -3.63 20.39 5.85
C GLU A 201 -4.72 19.61 6.58
N HIS A 202 -4.41 19.10 7.76
CA HIS A 202 -5.40 18.33 8.51
C HIS A 202 -6.18 19.16 9.53
N SER A 203 -6.12 20.50 9.38
CA SER A 203 -6.82 21.42 10.28
C SER A 203 -6.75 20.97 11.72
N ILE A 204 -5.55 20.99 12.29
CA ILE A 204 -5.35 20.54 13.66
C ILE A 204 -5.24 21.68 14.66
N GLU A 205 -6.22 21.78 15.57
CA GLU A 205 -6.22 22.83 16.57
C GLU A 205 -5.06 22.58 17.51
N THR A 206 -4.16 23.55 17.60
CA THR A 206 -2.99 23.43 18.44
C THR A 206 -2.92 24.50 19.51
N PHE A 207 -2.26 24.19 20.62
CA PHE A 207 -2.14 25.14 21.71
C PHE A 207 -0.74 25.13 22.30
N LEU A 208 -0.42 26.16 23.08
CA LEU A 208 0.87 26.29 23.72
C LEU A 208 0.72 26.45 25.23
N ILE A 209 1.45 25.65 26.00
CA ILE A 209 1.40 25.71 27.45
C ILE A 209 2.00 27.03 27.90
N LEU A 210 1.45 27.61 28.97
CA LEU A 210 1.96 28.88 29.48
C LEU A 210 2.83 28.70 30.73
N HIS B 10 34.44 6.64 23.00
CA HIS B 10 34.17 6.51 21.54
C HIS B 10 35.13 7.31 20.66
N GLN B 11 35.72 6.61 19.68
CA GLN B 11 36.68 7.20 18.77
C GLN B 11 36.07 7.86 17.54
N SER B 12 36.94 8.39 16.69
CA SER B 12 36.53 9.06 15.45
C SER B 12 37.35 8.55 14.27
N TYR B 13 36.67 8.29 13.17
CA TYR B 13 37.35 7.81 11.98
C TYR B 13 37.56 8.95 11.03
N ASP B 14 38.43 8.74 10.05
CA ASP B 14 38.74 9.77 9.06
C ASP B 14 38.07 9.50 7.73
N CYS B 15 37.65 8.27 7.51
CA CYS B 15 37.00 7.93 6.26
C CYS B 15 36.02 6.80 6.43
N VAL B 16 34.77 7.16 6.63
CA VAL B 16 33.70 6.20 6.79
C VAL B 16 32.68 6.48 5.71
N CYS B 17 32.16 5.43 5.07
CA CYS B 17 31.19 5.63 4.02
C CYS B 17 29.76 5.44 4.55
N VAL B 18 29.00 6.53 4.66
CA VAL B 18 27.62 6.48 5.16
C VAL B 18 26.62 6.45 4.03
N MET B 19 25.60 5.61 4.18
CA MET B 19 24.56 5.51 3.18
C MET B 19 23.15 5.56 3.76
N PHE B 20 22.26 6.17 3.01
CA PHE B 20 20.87 6.27 3.41
C PHE B 20 20.05 5.80 2.24
N ALA B 21 19.14 4.87 2.51
CA ALA B 21 18.28 4.34 1.48
C ALA B 21 16.85 4.47 2.02
N SER B 22 16.07 5.35 1.43
CA SER B 22 14.72 5.54 1.91
C SER B 22 13.65 5.20 0.88
N ILE B 23 12.46 4.88 1.40
CA ILE B 23 11.31 4.55 0.59
C ILE B 23 10.26 5.65 0.80
N PRO B 24 10.29 6.68 -0.06
CA PRO B 24 9.36 7.82 0.00
C PRO B 24 7.91 7.39 -0.17
N ASP B 25 7.72 6.37 -0.99
CA ASP B 25 6.39 5.84 -1.30
C ASP B 25 5.75 5.13 -0.13
N PHE B 26 6.45 4.99 0.99
CA PHE B 26 5.85 4.29 2.11
C PHE B 26 4.92 5.14 2.96
N LYS B 27 5.32 6.36 3.30
CA LYS B 27 4.46 7.18 4.13
C LYS B 27 3.03 7.18 3.62
N GLU B 28 2.87 7.12 2.31
CA GLU B 28 1.53 7.11 1.76
C GLU B 28 0.92 5.72 1.93
N PHE B 29 1.67 4.69 1.57
CA PHE B 29 1.17 3.32 1.72
C PHE B 29 0.58 3.07 3.09
N TYR B 30 1.20 3.64 4.13
CA TYR B 30 0.72 3.45 5.49
C TYR B 30 -0.70 4.00 5.67
N THR B 31 -1.59 3.10 6.10
CA THR B 31 -3.02 3.38 6.31
C THR B 31 -3.44 2.84 7.69
N GLU B 32 -4.32 3.56 8.37
CA GLU B 32 -4.81 3.09 9.67
C GLU B 32 -6.31 2.82 9.59
N SER B 33 -6.68 1.71 8.94
CA SER B 33 -8.08 1.34 8.80
C SER B 33 -8.35 0.07 9.60
N ASP B 34 -9.59 -0.10 10.02
CA ASP B 34 -9.95 -1.28 10.79
C ASP B 34 -9.56 -2.55 10.03
N VAL B 35 -9.59 -2.46 8.70
CA VAL B 35 -9.25 -3.58 7.83
C VAL B 35 -7.79 -4.02 8.05
N ASN B 36 -6.88 -3.04 8.07
CA ASN B 36 -5.47 -3.31 8.27
C ASN B 36 -5.06 -3.19 9.73
N LYS B 37 -5.93 -3.64 10.62
CA LYS B 37 -5.62 -3.61 12.03
C LYS B 37 -5.01 -2.30 12.50
N GLU B 38 -5.45 -1.18 11.93
CA GLU B 38 -4.93 0.12 12.31
C GLU B 38 -3.49 0.33 11.91
N GLY B 39 -3.16 -0.07 10.69
CA GLY B 39 -1.80 0.11 10.20
C GLY B 39 -0.81 -0.94 10.67
N LEU B 40 -1.31 -2.06 11.17
CA LEU B 40 -0.41 -3.11 11.60
C LEU B 40 0.04 -3.85 10.37
N GLU B 41 -0.90 -4.27 9.55
CA GLU B 41 -0.55 -5.01 8.36
C GLU B 41 0.48 -4.29 7.50
N CYS B 42 0.45 -2.96 7.54
CA CYS B 42 1.41 -2.18 6.78
C CYS B 42 2.82 -2.32 7.37
N LEU B 43 2.91 -2.10 8.68
CA LEU B 43 4.17 -2.22 9.38
C LEU B 43 4.67 -3.64 9.19
N ARG B 44 3.74 -4.58 8.94
CA ARG B 44 4.15 -5.97 8.77
C ARG B 44 4.91 -6.10 7.48
N LEU B 45 4.44 -5.37 6.48
CA LEU B 45 5.10 -5.42 5.20
C LEU B 45 6.44 -4.77 5.34
N LEU B 46 6.47 -3.63 6.01
CA LEU B 46 7.73 -2.93 6.20
C LEU B 46 8.66 -3.82 6.97
N ASN B 47 8.14 -4.55 7.95
CA ASN B 47 9.02 -5.42 8.69
C ASN B 47 9.65 -6.42 7.75
N GLU B 48 8.87 -6.96 6.83
CA GLU B 48 9.43 -7.91 5.87
C GLU B 48 10.60 -7.20 5.21
N ILE B 49 10.34 -6.03 4.62
CA ILE B 49 11.36 -5.25 3.93
C ILE B 49 12.65 -5.03 4.70
N ILE B 50 12.52 -4.49 5.91
CA ILE B 50 13.68 -4.21 6.75
C ILE B 50 14.44 -5.49 7.04
N ALA B 51 13.71 -6.59 7.19
CA ALA B 51 14.31 -7.88 7.46
C ALA B 51 15.03 -8.37 6.22
N ASP B 52 14.39 -8.23 5.06
CA ASP B 52 14.96 -8.67 3.79
C ASP B 52 16.25 -7.92 3.52
N PHE B 53 16.35 -6.72 4.07
CA PHE B 53 17.53 -5.90 3.89
C PHE B 53 18.66 -6.38 4.76
N ASP B 54 18.33 -6.83 5.98
CA ASP B 54 19.34 -7.31 6.91
C ASP B 54 19.92 -8.64 6.48
N ASP B 55 19.17 -9.38 5.66
CA ASP B 55 19.66 -10.66 5.21
C ASP B 55 20.77 -10.48 4.18
N LEU B 56 21.29 -9.26 4.10
CA LEU B 56 22.37 -8.94 3.18
C LEU B 56 23.64 -8.78 3.99
N LEU B 57 23.49 -8.21 5.17
CA LEU B 57 24.61 -7.97 6.07
C LEU B 57 25.36 -9.26 6.41
N SER B 58 24.68 -10.40 6.25
CA SER B 58 25.27 -11.70 6.56
C SER B 58 25.76 -12.38 5.29
N LYS B 59 26.11 -11.58 4.30
CA LYS B 59 26.62 -12.11 3.05
C LYS B 59 28.09 -11.75 3.09
N PRO B 60 28.95 -12.59 2.47
CA PRO B 60 30.40 -12.38 2.43
C PRO B 60 30.86 -11.04 1.84
N LYS B 61 30.27 -10.66 0.70
CA LYS B 61 30.67 -9.42 0.04
C LYS B 61 30.29 -8.14 0.79
N PHE B 62 29.36 -8.24 1.73
CA PHE B 62 28.95 -7.08 2.51
C PHE B 62 29.35 -7.25 3.96
N SER B 63 30.31 -8.13 4.21
CA SER B 63 30.78 -8.40 5.57
C SER B 63 31.38 -7.17 6.25
N GLY B 64 31.44 -6.05 5.52
CA GLY B 64 32.00 -4.83 6.09
C GLY B 64 31.00 -3.70 6.28
N VAL B 65 29.74 -4.01 6.04
CA VAL B 65 28.66 -3.03 6.17
C VAL B 65 28.10 -3.11 7.59
N GLU B 66 27.73 -1.95 8.13
CA GLU B 66 27.16 -1.90 9.47
C GLU B 66 25.83 -1.18 9.39
N LYS B 67 24.79 -1.86 9.82
CA LYS B 67 23.46 -1.29 9.83
C LYS B 67 23.46 -0.42 11.10
N ILE B 68 23.48 0.89 10.94
CA ILE B 68 23.49 1.77 12.11
C ILE B 68 22.15 1.90 12.81
N LYS B 69 21.07 1.96 12.04
CA LYS B 69 19.73 2.09 12.59
C LYS B 69 18.70 2.17 11.47
N THR B 70 17.45 2.42 11.83
CA THR B 70 16.38 2.58 10.85
C THR B 70 15.52 3.73 11.32
N ILE B 71 15.51 4.81 10.54
CA ILE B 71 14.71 5.97 10.86
C ILE B 71 13.50 5.85 9.95
N GLY B 72 12.32 5.69 10.54
CA GLY B 72 11.11 5.55 9.75
C GLY B 72 11.25 4.38 8.79
N SER B 73 11.18 4.66 7.50
CA SER B 73 11.34 3.60 6.51
C SER B 73 12.68 3.85 5.81
N THR B 74 13.61 4.47 6.52
CA THR B 74 14.92 4.77 5.97
C THR B 74 16.01 3.91 6.62
N TYR B 75 16.77 3.21 5.79
CA TYR B 75 17.83 2.31 6.23
C TYR B 75 19.12 3.08 6.30
N MET B 76 19.80 3.01 7.43
CA MET B 76 21.08 3.71 7.58
C MET B 76 22.24 2.73 7.82
N ALA B 77 23.17 2.68 6.87
CA ALA B 77 24.32 1.79 6.96
C ALA B 77 25.59 2.63 6.89
N ALA B 78 26.74 1.98 6.97
CA ALA B 78 28.02 2.68 6.93
C ALA B 78 29.16 1.67 6.76
N THR B 79 30.12 1.98 5.89
CA THR B 79 31.25 1.08 5.67
C THR B 79 32.60 1.73 5.92
N GLY B 80 33.46 1.02 6.63
CA GLY B 80 34.78 1.55 6.92
C GLY B 80 34.97 1.86 8.40
N LEU B 81 34.12 1.27 9.23
CA LEU B 81 34.20 1.45 10.68
C LEU B 81 35.07 0.34 11.28
N SER B 82 35.35 -0.68 10.47
CA SER B 82 36.15 -1.82 10.91
C SER B 82 37.64 -1.58 10.68
N ALA B 83 38.03 -0.32 10.58
CA ALA B 83 39.43 0.04 10.38
C ALA B 83 39.87 0.98 11.50
N ILE B 84 41.16 1.28 11.57
CA ILE B 84 41.67 2.18 12.59
C ILE B 84 41.14 3.60 12.36
N ARG B 95 42.13 -0.94 -2.23
CA ARG B 95 42.35 0.47 -1.98
C ARG B 95 41.91 0.86 -0.57
N GLN B 96 42.28 2.06 -0.17
CA GLN B 96 41.92 2.61 1.14
C GLN B 96 40.50 3.18 1.04
N TYR B 97 40.05 3.34 -0.20
CA TYR B 97 38.73 3.85 -0.50
C TYR B 97 37.98 2.86 -1.36
N MET B 98 38.10 1.58 -1.04
CA MET B 98 37.40 0.56 -1.79
C MET B 98 36.11 0.21 -1.06
N HIS B 99 36.12 0.44 0.25
CA HIS B 99 34.94 0.16 1.06
C HIS B 99 33.84 1.15 0.65
N ILE B 100 34.25 2.16 -0.13
CA ILE B 100 33.37 3.21 -0.66
C ILE B 100 32.57 2.63 -1.82
N GLY B 101 33.21 1.75 -2.58
CA GLY B 101 32.54 1.14 -3.71
C GLY B 101 31.62 0.05 -3.24
N THR B 102 31.94 -0.54 -2.09
CA THR B 102 31.12 -1.62 -1.55
C THR B 102 29.81 -1.08 -1.03
N MET B 103 29.81 0.18 -0.61
CA MET B 103 28.59 0.81 -0.13
C MET B 103 27.63 0.97 -1.30
N VAL B 104 28.18 1.14 -2.50
CA VAL B 104 27.38 1.27 -3.71
C VAL B 104 26.94 -0.12 -4.15
N GLU B 105 27.78 -1.12 -3.89
CA GLU B 105 27.45 -2.48 -4.24
C GLU B 105 26.27 -2.93 -3.39
N PHE B 106 26.21 -2.34 -2.20
CA PHE B 106 25.17 -2.61 -1.22
C PHE B 106 23.92 -1.87 -1.60
N ALA B 107 24.07 -0.62 -2.00
CA ALA B 107 22.93 0.18 -2.41
C ALA B 107 22.14 -0.62 -3.43
N TYR B 108 22.83 -1.11 -4.47
CA TYR B 108 22.16 -1.92 -5.49
C TYR B 108 21.49 -3.11 -4.81
N ALA B 109 22.21 -3.76 -3.91
CA ALA B 109 21.68 -4.90 -3.18
C ALA B 109 20.27 -4.63 -2.67
N LEU B 110 20.12 -3.56 -1.89
CA LEU B 110 18.83 -3.17 -1.31
C LEU B 110 17.75 -3.06 -2.39
N VAL B 111 18.16 -2.54 -3.54
CA VAL B 111 17.26 -2.36 -4.67
C VAL B 111 16.79 -3.71 -5.16
N GLY B 112 17.75 -4.57 -5.46
CA GLY B 112 17.42 -5.89 -5.95
C GLY B 112 16.39 -6.53 -5.07
N LYS B 113 16.51 -6.29 -3.77
CA LYS B 113 15.59 -6.85 -2.80
C LYS B 113 14.30 -6.06 -2.63
N LEU B 114 14.36 -4.75 -2.83
CA LEU B 114 13.16 -3.92 -2.68
C LEU B 114 12.20 -4.15 -3.82
N ASP B 115 12.75 -4.51 -4.97
CA ASP B 115 11.91 -4.76 -6.13
C ASP B 115 11.51 -6.24 -6.11
N ALA B 116 12.24 -7.04 -5.36
CA ALA B 116 11.92 -8.46 -5.25
C ALA B 116 10.59 -8.50 -4.50
N ILE B 117 10.51 -7.72 -3.43
CA ILE B 117 9.32 -7.63 -2.62
C ILE B 117 8.15 -7.13 -3.48
N ASN B 118 8.41 -6.13 -4.31
CA ASN B 118 7.36 -5.60 -5.16
C ASN B 118 6.69 -6.70 -5.97
N LYS B 119 7.42 -7.74 -6.34
CA LYS B 119 6.85 -8.84 -7.10
C LYS B 119 5.71 -9.50 -6.31
N HIS B 120 6.00 -9.84 -5.06
CA HIS B 120 5.03 -10.49 -4.21
C HIS B 120 4.03 -9.59 -3.49
N SER B 121 4.21 -8.27 -3.55
CA SER B 121 3.25 -7.40 -2.87
C SER B 121 2.38 -6.60 -3.83
N PHE B 122 2.65 -6.74 -5.13
CA PHE B 122 1.88 -6.04 -6.15
C PHE B 122 2.05 -4.55 -5.97
N ASN B 123 3.27 -4.17 -5.58
CA ASN B 123 3.62 -2.77 -5.34
C ASN B 123 4.72 -2.27 -6.28
N ASP B 124 5.08 -1.00 -6.13
CA ASP B 124 6.12 -0.40 -6.95
C ASP B 124 7.02 0.47 -6.10
N PHE B 125 7.44 -0.04 -4.95
CA PHE B 125 8.29 0.75 -4.10
C PHE B 125 9.62 0.99 -4.77
N LYS B 126 10.04 2.25 -4.75
CA LYS B 126 11.30 2.65 -5.33
C LYS B 126 12.18 3.15 -4.19
N LEU B 127 13.45 2.80 -4.25
CA LEU B 127 14.40 3.20 -3.23
C LEU B 127 15.10 4.50 -3.65
N ARG B 128 15.54 5.27 -2.67
CA ARG B 128 16.23 6.53 -2.95
C ARG B 128 17.46 6.51 -2.07
N VAL B 129 18.63 6.73 -2.65
CA VAL B 129 19.87 6.66 -1.89
C VAL B 129 20.71 7.93 -1.82
N GLY B 130 21.48 8.03 -0.73
CA GLY B 130 22.35 9.15 -0.53
C GLY B 130 23.62 8.63 0.11
N ILE B 131 24.68 8.55 -0.69
CA ILE B 131 25.96 8.05 -0.19
C ILE B 131 26.97 9.19 -0.08
N ASN B 132 27.83 9.09 0.91
CA ASN B 132 28.85 10.09 1.13
C ASN B 132 29.96 9.42 1.92
N HIS B 133 31.10 10.10 2.09
CA HIS B 133 32.21 9.53 2.85
C HIS B 133 33.13 10.60 3.39
N GLY B 134 33.60 10.40 4.61
CA GLY B 134 34.49 11.36 5.25
C GLY B 134 34.58 11.08 6.74
N PRO B 135 35.15 12.00 7.53
CA PRO B 135 35.28 11.80 8.98
C PRO B 135 33.95 11.82 9.75
N VAL B 136 33.84 10.90 10.70
CA VAL B 136 32.67 10.75 11.53
C VAL B 136 33.17 10.53 12.95
N ILE B 137 32.23 10.37 13.88
CA ILE B 137 32.57 10.12 15.27
C ILE B 137 31.67 8.99 15.76
N ALA B 138 32.15 7.76 15.64
CA ALA B 138 31.40 6.61 16.08
C ALA B 138 31.25 6.71 17.59
N GLY B 139 30.42 5.85 18.17
CA GLY B 139 30.23 5.89 19.61
C GLY B 139 28.78 5.69 20.04
N VAL B 140 28.58 5.64 21.35
CA VAL B 140 27.25 5.44 21.92
C VAL B 140 26.74 6.74 22.51
N ILE B 141 25.46 6.77 22.85
CA ILE B 141 24.85 7.96 23.42
C ILE B 141 23.59 7.59 24.18
N GLY B 142 23.33 8.31 25.26
CA GLY B 142 22.16 8.03 26.06
C GLY B 142 22.50 7.19 27.28
N ALA B 143 22.17 7.72 28.45
CA ALA B 143 22.43 7.05 29.72
C ALA B 143 21.51 5.84 29.91
N GLN B 144 20.21 6.03 29.72
CA GLN B 144 19.23 4.95 29.86
C GLN B 144 19.70 3.63 29.24
N LYS B 145 19.52 3.50 27.93
CA LYS B 145 19.94 2.29 27.22
C LYS B 145 20.88 2.73 26.11
N PRO B 146 22.15 2.93 26.42
CA PRO B 146 23.16 3.36 25.44
C PRO B 146 22.97 2.75 24.03
N GLN B 147 22.88 3.61 23.02
CA GLN B 147 22.69 3.18 21.63
C GLN B 147 23.83 3.68 20.71
N TYR B 148 24.38 2.78 19.89
CA TYR B 148 25.49 3.09 18.96
C TYR B 148 25.13 3.91 17.72
N ASP B 149 25.83 5.02 17.51
CA ASP B 149 25.54 5.89 16.38
C ASP B 149 26.78 6.70 15.99
N ILE B 150 26.92 6.99 14.70
CA ILE B 150 28.05 7.79 14.23
C ILE B 150 27.60 9.20 13.88
N TRP B 151 28.37 10.18 14.32
CA TRP B 151 28.07 11.57 14.04
C TRP B 151 29.02 12.08 12.97
N GLY B 152 29.15 13.39 12.88
CA GLY B 152 30.04 13.99 11.90
C GLY B 152 29.25 14.68 10.81
N ASN B 153 29.76 15.80 10.29
CA ASN B 153 29.03 16.51 9.25
C ASN B 153 28.82 15.56 8.07
N THR B 154 29.75 14.65 7.88
CA THR B 154 29.72 13.66 6.81
C THR B 154 28.35 12.96 6.75
N VAL B 155 27.78 12.72 7.92
CA VAL B 155 26.49 12.05 8.05
C VAL B 155 25.34 12.99 7.66
N ASN B 156 25.43 14.23 8.07
CA ASN B 156 24.39 15.21 7.76
C ASN B 156 24.21 15.36 6.26
N VAL B 157 25.32 15.41 5.54
CA VAL B 157 25.28 15.54 4.08
C VAL B 157 24.75 14.27 3.43
N ALA B 158 25.12 13.11 3.97
CA ALA B 158 24.63 11.85 3.41
C ALA B 158 23.12 11.84 3.46
N SER B 159 22.55 12.19 4.62
CA SER B 159 21.10 12.20 4.74
C SER B 159 20.51 13.19 3.73
N ARG B 160 21.06 14.41 3.68
CA ARG B 160 20.57 15.43 2.76
C ARG B 160 20.77 15.02 1.31
N MET B 161 21.64 14.04 1.08
CA MET B 161 21.94 13.51 -0.26
C MET B 161 20.90 12.47 -0.62
N ASP B 162 19.93 12.31 0.25
CA ASP B 162 18.88 11.35 0.03
C ASP B 162 17.55 12.07 -0.01
N SER B 163 17.29 12.89 1.00
CA SER B 163 16.03 13.62 1.05
C SER B 163 15.81 14.40 -0.26
N THR B 164 16.90 14.70 -0.95
CA THR B 164 16.81 15.44 -2.21
C THR B 164 17.19 14.57 -3.39
N GLY B 165 17.42 13.29 -3.13
CA GLY B 165 17.79 12.40 -4.20
C GLY B 165 16.63 12.12 -5.13
N VAL B 166 16.87 11.26 -6.11
CA VAL B 166 15.84 10.88 -7.07
C VAL B 166 15.64 9.37 -6.93
N LEU B 167 14.41 8.91 -7.12
CA LEU B 167 14.13 7.47 -6.98
C LEU B 167 14.98 6.64 -7.92
N ASP B 168 15.46 5.50 -7.42
CA ASP B 168 16.30 4.58 -8.19
C ASP B 168 17.61 5.18 -8.63
N LYS B 169 18.02 6.22 -7.92
CA LYS B 169 19.27 6.90 -8.22
C LYS B 169 20.03 7.15 -6.92
N ILE B 170 21.34 6.91 -6.98
CA ILE B 170 22.21 7.12 -5.82
C ILE B 170 22.79 8.52 -5.97
N GLN B 171 22.85 9.29 -4.89
CA GLN B 171 23.39 10.64 -5.01
C GLN B 171 24.74 10.75 -4.34
N VAL B 172 25.74 11.07 -5.14
CA VAL B 172 27.10 11.18 -4.64
C VAL B 172 27.64 12.59 -4.83
N THR B 173 28.51 12.99 -3.91
CA THR B 173 29.13 14.31 -3.94
C THR B 173 30.30 14.32 -4.95
N GLU B 174 30.94 15.46 -5.10
CA GLU B 174 32.05 15.57 -6.05
C GLU B 174 33.13 14.50 -5.80
N GLU B 175 33.90 14.64 -4.73
CA GLU B 175 34.97 13.67 -4.43
C GLU B 175 34.47 12.24 -4.43
N THR B 176 33.26 12.02 -3.94
CA THR B 176 32.70 10.68 -3.91
C THR B 176 32.55 10.29 -5.36
N SER B 177 32.13 11.26 -6.17
CA SER B 177 31.95 11.04 -7.59
C SER B 177 33.30 10.59 -8.18
N LEU B 178 34.32 11.39 -7.92
CA LEU B 178 35.67 11.12 -8.40
C LEU B 178 36.15 9.72 -8.03
N ILE B 179 36.21 9.43 -6.73
CA ILE B 179 36.63 8.13 -6.22
C ILE B 179 35.91 6.97 -6.89
N LEU B 180 34.64 7.17 -7.24
CA LEU B 180 33.85 6.13 -7.88
C LEU B 180 34.30 5.92 -9.31
N GLN B 181 34.67 7.00 -9.98
CA GLN B 181 35.14 6.87 -11.34
C GLN B 181 36.44 6.07 -11.31
N THR B 182 37.32 6.42 -10.40
CA THR B 182 38.59 5.72 -10.28
C THR B 182 38.32 4.34 -9.70
N LEU B 183 37.09 3.86 -9.87
CA LEU B 183 36.69 2.55 -9.39
C LEU B 183 35.84 1.86 -10.45
N GLY B 184 35.73 2.50 -11.61
CA GLY B 184 34.95 1.94 -12.70
C GLY B 184 33.51 2.39 -12.71
N TYR B 185 33.26 3.63 -12.30
CA TYR B 185 31.90 4.15 -12.28
C TYR B 185 31.74 5.42 -13.13
N THR B 186 30.61 5.50 -13.81
CA THR B 186 30.26 6.64 -14.66
C THR B 186 29.27 7.50 -13.90
N CYS B 187 29.46 8.82 -13.89
CA CYS B 187 28.54 9.68 -13.16
C CYS B 187 27.92 10.82 -13.95
N THR B 188 26.84 11.39 -13.41
CA THR B 188 26.14 12.53 -14.02
C THR B 188 25.90 13.60 -12.96
N CYS B 189 26.03 14.87 -13.36
CA CYS B 189 25.84 15.96 -12.43
C CYS B 189 24.36 16.27 -12.31
N ARG B 190 23.84 16.18 -11.09
CA ARG B 190 22.44 16.47 -10.83
C ARG B 190 22.26 17.97 -10.96
N GLY B 191 23.27 18.68 -10.47
CA GLY B 191 23.23 20.12 -10.48
C GLY B 191 23.62 20.49 -9.08
N ILE B 192 23.35 21.73 -8.72
CA ILE B 192 23.68 22.22 -7.40
C ILE B 192 22.54 21.87 -6.44
N ILE B 193 22.85 21.82 -5.15
CA ILE B 193 21.85 21.50 -4.15
C ILE B 193 22.22 22.21 -2.85
N ASN B 194 21.22 22.73 -2.15
CA ASN B 194 21.49 23.41 -0.91
C ASN B 194 21.47 22.47 0.27
N VAL B 195 22.63 22.35 0.91
CA VAL B 195 22.79 21.52 2.09
C VAL B 195 22.89 22.50 3.25
N LYS B 196 21.78 22.65 3.98
CA LYS B 196 21.74 23.56 5.10
C LYS B 196 22.98 23.40 5.98
N GLY B 197 23.69 24.52 6.19
CA GLY B 197 24.88 24.49 7.00
C GLY B 197 26.14 24.54 6.16
N LYS B 198 26.14 23.84 5.03
CA LYS B 198 27.31 23.83 4.15
C LYS B 198 27.06 24.67 2.89
N GLY B 199 25.87 25.25 2.81
CA GLY B 199 25.52 26.10 1.68
C GLY B 199 25.04 25.36 0.45
N ASP B 200 25.60 25.71 -0.71
CA ASP B 200 25.23 25.07 -1.95
C ASP B 200 26.34 24.12 -2.37
N LEU B 201 25.97 22.91 -2.77
CA LEU B 201 26.95 21.89 -3.17
C LEU B 201 26.56 21.20 -4.48
N LYS B 202 27.56 20.94 -5.32
CA LYS B 202 27.31 20.26 -6.59
C LYS B 202 27.28 18.75 -6.35
N THR B 203 26.21 18.09 -6.78
CA THR B 203 26.04 16.65 -6.58
C THR B 203 26.01 15.86 -7.87
N TYR B 204 26.10 14.54 -7.74
CA TYR B 204 26.08 13.67 -8.91
C TYR B 204 25.28 12.39 -8.70
N PHE B 205 24.74 11.88 -9.80
CA PHE B 205 23.96 10.64 -9.79
C PHE B 205 24.81 9.55 -10.37
N VAL B 206 24.86 8.42 -9.70
CA VAL B 206 25.64 7.31 -10.21
C VAL B 206 24.91 6.67 -11.37
N ASN B 207 25.64 6.39 -12.44
CA ASN B 207 25.06 5.78 -13.62
C ASN B 207 25.07 4.27 -13.49
N THR B 208 24.25 3.63 -14.31
CA THR B 208 24.15 2.17 -14.30
C THR B 208 24.11 1.66 -15.75
N ALA C 39 -16.14 -21.40 15.37
CA ALA C 39 -14.87 -21.25 14.60
C ALA C 39 -15.03 -20.28 13.42
N THR C 40 -14.39 -19.12 13.54
CA THR C 40 -14.43 -18.05 12.53
C THR C 40 -13.37 -18.19 11.41
N HIS C 41 -13.73 -17.81 10.20
CA HIS C 41 -12.81 -17.88 9.10
C HIS C 41 -12.60 -16.52 8.43
N ARG C 42 -11.64 -16.46 7.52
CA ARG C 42 -11.34 -15.25 6.79
C ARG C 42 -11.06 -15.69 5.38
N LEU C 43 -11.95 -15.33 4.47
CA LEU C 43 -11.83 -15.70 3.07
C LEU C 43 -11.51 -14.45 2.28
N LEU C 44 -10.50 -14.54 1.43
CA LEU C 44 -10.11 -13.39 0.65
C LEU C 44 -10.43 -13.71 -0.79
N LEU C 45 -11.24 -12.89 -1.42
CA LEU C 45 -11.56 -13.11 -2.81
C LEU C 45 -10.54 -12.31 -3.62
N LEU C 46 -9.89 -12.97 -4.55
CA LEU C 46 -8.90 -12.33 -5.40
C LEU C 46 -9.24 -12.67 -6.86
N GLY C 47 -8.78 -11.82 -7.78
CA GLY C 47 -9.05 -12.03 -9.20
C GLY C 47 -8.88 -10.69 -9.90
N ALA C 48 -8.79 -10.67 -11.23
CA ALA C 48 -8.61 -9.40 -11.93
C ALA C 48 -9.88 -8.53 -11.80
N GLY C 49 -9.98 -7.51 -12.65
CA GLY C 49 -11.14 -6.63 -12.59
C GLY C 49 -12.39 -7.20 -13.23
N GLU C 50 -13.54 -6.85 -12.65
CA GLU C 50 -14.84 -7.31 -13.14
C GLU C 50 -14.86 -8.83 -13.19
N SER C 51 -14.00 -9.45 -12.39
CA SER C 51 -13.90 -10.91 -12.35
C SER C 51 -15.17 -11.46 -11.73
N GLY C 52 -15.73 -10.69 -10.81
CA GLY C 52 -16.96 -11.08 -10.14
C GLY C 52 -16.86 -11.24 -8.64
N LYS C 53 -15.85 -10.65 -8.03
CA LYS C 53 -15.68 -10.73 -6.59
C LYS C 53 -16.86 -10.08 -5.87
N SER C 54 -17.10 -8.81 -6.18
CA SER C 54 -18.17 -8.04 -5.57
C SER C 54 -19.52 -8.74 -5.70
N THR C 55 -19.72 -9.41 -6.84
CA THR C 55 -20.95 -10.13 -7.14
C THR C 55 -21.15 -11.36 -6.26
N ILE C 56 -20.05 -12.01 -5.90
CA ILE C 56 -20.11 -13.18 -5.05
C ILE C 56 -20.41 -12.82 -3.60
N VAL C 57 -19.90 -11.67 -3.17
CA VAL C 57 -20.15 -11.22 -1.83
C VAL C 57 -21.63 -10.86 -1.73
N LYS C 58 -22.22 -10.43 -2.85
CA LYS C 58 -23.66 -10.09 -2.87
C LYS C 58 -24.44 -11.37 -2.54
N GLN C 59 -24.20 -12.43 -3.28
CA GLN C 59 -24.87 -13.69 -3.03
C GLN C 59 -24.79 -14.06 -1.55
N MET C 60 -23.65 -13.82 -0.91
CA MET C 60 -23.50 -14.15 0.50
C MET C 60 -24.49 -13.37 1.37
N ARG C 61 -24.87 -12.17 0.94
CA ARG C 61 -25.86 -11.42 1.69
C ARG C 61 -27.24 -11.98 1.33
N ILE C 62 -27.44 -12.19 0.04
CA ILE C 62 -28.67 -12.75 -0.48
C ILE C 62 -28.95 -14.08 0.21
N LEU C 63 -27.90 -14.90 0.30
CA LEU C 63 -27.98 -16.22 0.89
C LEU C 63 -27.89 -16.32 2.41
N HIS C 64 -26.89 -15.68 3.03
CA HIS C 64 -26.71 -15.81 4.49
C HIS C 64 -26.83 -14.57 5.37
N VAL C 65 -27.34 -13.47 4.81
CA VAL C 65 -27.48 -12.25 5.60
C VAL C 65 -28.89 -11.67 5.47
N GLY C 86 -34.91 -2.94 2.25
CA GLY C 86 -35.42 -1.86 1.42
C GLY C 86 -34.42 -0.74 1.20
N GLU C 87 -33.14 -1.10 1.07
CA GLU C 87 -32.07 -0.11 0.86
C GLU C 87 -31.94 0.16 -0.64
N LYS C 88 -32.55 -0.71 -1.43
CA LYS C 88 -32.52 -0.64 -2.88
C LYS C 88 -32.73 0.76 -3.45
N ALA C 89 -33.58 1.55 -2.80
CA ALA C 89 -33.87 2.90 -3.25
C ALA C 89 -32.60 3.70 -3.58
N THR C 90 -31.48 3.26 -3.05
CA THR C 90 -30.21 3.93 -3.27
C THR C 90 -29.45 3.36 -4.48
N LYS C 91 -29.54 2.06 -4.68
CA LYS C 91 -28.85 1.41 -5.78
C LYS C 91 -29.58 1.47 -7.11
N VAL C 92 -30.68 2.21 -7.14
CA VAL C 92 -31.47 2.37 -8.37
C VAL C 92 -30.60 3.22 -9.30
N GLN C 93 -30.07 4.31 -8.72
CA GLN C 93 -29.21 5.25 -9.42
C GLN C 93 -28.11 4.50 -10.18
N ASP C 94 -27.36 3.67 -9.45
CA ASP C 94 -26.27 2.90 -10.02
C ASP C 94 -26.71 2.04 -11.20
N ILE C 95 -27.96 1.59 -11.17
CA ILE C 95 -28.49 0.79 -12.27
C ILE C 95 -28.73 1.65 -13.51
N LYS C 96 -29.27 2.86 -13.31
CA LYS C 96 -29.51 3.76 -14.42
C LYS C 96 -28.20 4.26 -15.02
N ASN C 97 -27.15 4.29 -14.20
CA ASN C 97 -25.85 4.74 -14.67
C ASN C 97 -25.21 3.67 -15.55
N ASN C 98 -25.48 2.41 -15.22
CA ASN C 98 -24.98 1.27 -15.99
C ASN C 98 -25.66 1.31 -17.34
N LEU C 99 -26.99 1.41 -17.30
CA LEU C 99 -27.81 1.49 -18.50
C LEU C 99 -27.28 2.58 -19.41
N LYS C 100 -26.95 3.73 -18.82
CA LYS C 100 -26.44 4.86 -19.59
C LYS C 100 -25.08 4.56 -20.17
N GLU C 101 -24.14 4.13 -19.33
CA GLU C 101 -22.81 3.83 -19.82
C GLU C 101 -22.88 2.77 -20.90
N ALA C 102 -23.71 1.75 -20.70
CA ALA C 102 -23.85 0.66 -21.66
C ALA C 102 -24.18 1.19 -23.06
N ILE C 103 -25.28 1.92 -23.17
CA ILE C 103 -25.68 2.44 -24.47
C ILE C 103 -24.68 3.42 -25.06
N GLU C 104 -24.23 4.40 -24.27
CA GLU C 104 -23.28 5.37 -24.79
C GLU C 104 -21.93 4.78 -25.18
N THR C 105 -21.60 3.64 -24.60
CA THR C 105 -20.34 2.99 -24.93
C THR C 105 -20.46 2.32 -26.30
N ILE C 106 -21.59 1.63 -26.50
CA ILE C 106 -21.85 0.96 -27.76
C ILE C 106 -21.93 1.97 -28.89
N VAL C 107 -22.73 3.02 -28.74
CA VAL C 107 -22.84 4.02 -29.82
C VAL C 107 -21.49 4.65 -30.13
N ALA C 108 -20.70 4.88 -29.08
CA ALA C 108 -19.38 5.50 -29.22
C ALA C 108 -18.39 4.64 -30.01
N ALA C 109 -18.53 3.33 -29.90
CA ALA C 109 -17.65 2.41 -30.61
C ALA C 109 -18.11 2.22 -32.05
N MET C 110 -19.37 2.51 -32.30
CA MET C 110 -19.94 2.35 -33.63
C MET C 110 -19.03 2.84 -34.75
N SER C 111 -18.63 4.10 -34.65
CA SER C 111 -17.79 4.73 -35.66
C SER C 111 -16.29 4.41 -35.55
N ASN C 112 -15.81 4.21 -34.32
CA ASN C 112 -14.39 3.93 -34.10
C ASN C 112 -13.93 2.55 -34.57
N LEU C 113 -14.82 1.56 -34.52
CA LEU C 113 -14.46 0.21 -34.96
C LEU C 113 -14.03 0.13 -36.41
N VAL C 114 -13.29 -0.93 -36.72
CA VAL C 114 -12.78 -1.16 -38.06
C VAL C 114 -13.18 -2.56 -38.51
N PRO C 115 -14.06 -2.67 -39.51
CA PRO C 115 -14.69 -1.56 -40.22
C PRO C 115 -15.76 -0.88 -39.36
N PRO C 116 -16.06 0.40 -39.66
CA PRO C 116 -17.07 1.14 -38.91
C PRO C 116 -18.42 0.44 -38.97
N VAL C 117 -19.28 0.72 -38.00
CA VAL C 117 -20.60 0.12 -37.94
C VAL C 117 -21.64 1.20 -38.24
N GLU C 118 -22.47 0.95 -39.23
CA GLU C 118 -23.49 1.89 -39.63
C GLU C 118 -24.85 1.45 -39.15
N LEU C 119 -25.66 2.42 -38.74
CA LEU C 119 -26.99 2.13 -38.24
C LEU C 119 -27.88 1.64 -39.36
N ALA C 120 -28.92 0.90 -39.00
CA ALA C 120 -29.87 0.38 -39.98
C ALA C 120 -30.94 1.44 -40.16
N ASN C 121 -30.95 2.40 -39.22
CA ASN C 121 -31.90 3.50 -39.25
C ASN C 121 -31.18 4.83 -39.33
N PRO C 122 -31.19 5.45 -40.50
CA PRO C 122 -30.54 6.75 -40.71
C PRO C 122 -31.13 7.81 -39.77
N GLU C 123 -32.39 7.59 -39.39
CA GLU C 123 -33.10 8.49 -38.48
C GLU C 123 -32.46 8.48 -37.12
N ASN C 124 -32.14 7.28 -36.64
CA ASN C 124 -31.53 7.08 -35.33
C ASN C 124 -30.25 7.91 -35.17
N GLN C 125 -29.79 8.52 -36.25
CA GLN C 125 -28.59 9.33 -36.19
C GLN C 125 -28.76 10.51 -35.24
N PHE C 126 -30.00 10.94 -35.07
CA PHE C 126 -30.30 12.06 -34.19
C PHE C 126 -30.28 11.62 -32.73
N ARG C 127 -30.68 10.38 -32.50
CA ARG C 127 -30.67 9.82 -31.15
C ARG C 127 -29.21 9.58 -30.75
N VAL C 128 -28.38 9.26 -31.73
CA VAL C 128 -26.97 9.03 -31.48
C VAL C 128 -26.38 10.34 -30.96
N ASP C 129 -26.69 11.42 -31.64
CA ASP C 129 -26.19 12.73 -31.25
C ASP C 129 -26.62 13.04 -29.81
N TYR C 130 -27.81 12.59 -29.44
CA TYR C 130 -28.32 12.81 -28.09
C TYR C 130 -27.43 12.10 -27.07
N ILE C 131 -27.45 10.77 -27.12
CA ILE C 131 -26.68 9.92 -26.21
C ILE C 131 -25.25 10.40 -25.99
N LEU C 132 -24.69 11.08 -26.99
CA LEU C 132 -23.33 11.59 -26.91
C LEU C 132 -23.31 12.93 -26.22
N SER C 133 -24.19 13.83 -26.65
CA SER C 133 -24.27 15.15 -26.06
C SER C 133 -24.47 15.06 -24.54
N VAL C 134 -25.02 13.95 -24.05
CA VAL C 134 -25.24 13.78 -22.62
C VAL C 134 -24.21 12.86 -21.95
N MET C 135 -23.38 12.22 -22.78
CA MET C 135 -22.39 11.28 -22.30
C MET C 135 -21.59 11.75 -21.09
N ASN C 136 -20.85 12.84 -21.27
CA ASN C 136 -20.02 13.38 -20.21
C ASN C 136 -20.79 14.10 -19.12
N VAL C 137 -22.06 14.43 -19.39
CA VAL C 137 -22.91 15.14 -18.42
C VAL C 137 -22.85 14.63 -16.98
N PRO C 138 -22.45 15.52 -16.05
CA PRO C 138 -22.28 15.32 -14.60
C PRO C 138 -23.46 14.61 -13.93
N ASP C 139 -24.49 15.37 -13.56
CA ASP C 139 -25.66 14.78 -12.93
C ASP C 139 -26.79 14.69 -13.93
N PHE C 140 -26.98 13.49 -14.48
CA PHE C 140 -28.01 13.26 -15.45
C PHE C 140 -29.34 13.07 -14.74
N ASP C 141 -30.39 13.68 -15.27
CA ASP C 141 -31.73 13.58 -14.67
C ASP C 141 -32.52 12.41 -15.23
N PHE C 142 -31.98 11.79 -16.26
CA PHE C 142 -32.63 10.65 -16.90
C PHE C 142 -34.04 11.03 -17.33
N PRO C 143 -34.16 12.12 -18.09
CA PRO C 143 -35.46 12.59 -18.56
C PRO C 143 -36.13 11.45 -19.33
N PRO C 144 -37.46 11.41 -19.33
CA PRO C 144 -38.24 10.37 -20.00
C PRO C 144 -37.81 10.15 -21.45
N GLU C 145 -37.16 11.14 -22.04
CA GLU C 145 -36.69 11.03 -23.42
C GLU C 145 -35.55 10.02 -23.52
N PHE C 146 -34.62 10.10 -22.58
CA PHE C 146 -33.47 9.22 -22.57
C PHE C 146 -33.84 7.77 -22.85
N TYR C 147 -34.72 7.24 -22.02
CA TYR C 147 -35.14 5.86 -22.16
C TYR C 147 -35.71 5.58 -23.56
N GLU C 148 -36.29 6.61 -24.19
CA GLU C 148 -36.85 6.43 -25.53
C GLU C 148 -35.75 6.30 -26.58
N HIS C 149 -34.92 7.33 -26.70
CA HIS C 149 -33.82 7.32 -27.66
C HIS C 149 -32.94 6.10 -27.39
N ALA C 150 -32.74 5.83 -26.10
CA ALA C 150 -31.92 4.72 -25.68
C ALA C 150 -32.49 3.42 -26.23
N LYS C 151 -33.74 3.13 -25.89
CA LYS C 151 -34.38 1.92 -26.37
C LYS C 151 -34.40 1.88 -27.89
N ALA C 152 -34.76 3.02 -28.48
CA ALA C 152 -34.81 3.14 -29.94
C ALA C 152 -33.51 2.65 -30.54
N LEU C 153 -32.39 3.03 -29.92
CA LEU C 153 -31.07 2.63 -30.37
C LEU C 153 -30.80 1.16 -30.13
N TRP C 154 -31.24 0.66 -28.98
CA TRP C 154 -31.04 -0.75 -28.66
C TRP C 154 -31.82 -1.57 -29.67
N GLU C 155 -32.88 -0.95 -30.21
CA GLU C 155 -33.72 -1.60 -31.20
C GLU C 155 -33.03 -1.59 -32.55
N ASP C 156 -32.24 -0.56 -32.78
CA ASP C 156 -31.52 -0.43 -34.03
C ASP C 156 -30.65 -1.66 -34.25
N GLU C 157 -30.71 -2.19 -35.46
CA GLU C 157 -29.96 -3.39 -35.81
C GLU C 157 -28.45 -3.14 -35.88
N GLY C 158 -28.07 -1.95 -36.30
CA GLY C 158 -26.67 -1.61 -36.40
C GLY C 158 -26.07 -1.45 -35.03
N VAL C 159 -26.86 -0.90 -34.11
CA VAL C 159 -26.38 -0.70 -32.74
C VAL C 159 -26.06 -2.06 -32.12
N ARG C 160 -26.89 -3.06 -32.43
CA ARG C 160 -26.68 -4.42 -31.93
C ARG C 160 -25.54 -5.07 -32.70
N ALA C 161 -25.45 -4.79 -33.99
CA ALA C 161 -24.39 -5.33 -34.81
C ALA C 161 -23.10 -5.01 -34.09
N CYS C 162 -23.00 -3.75 -33.66
CA CYS C 162 -21.84 -3.27 -32.93
C CYS C 162 -21.71 -3.94 -31.57
N TYR C 163 -22.84 -4.38 -31.02
CA TYR C 163 -22.83 -5.05 -29.72
C TYR C 163 -22.15 -6.40 -29.83
N GLU C 164 -22.40 -7.12 -30.92
CA GLU C 164 -21.78 -8.42 -31.10
C GLU C 164 -20.25 -8.36 -31.28
N ARG C 165 -19.68 -7.16 -31.17
CA ARG C 165 -18.23 -6.95 -31.30
C ARG C 165 -17.77 -6.15 -30.08
N SER C 166 -18.59 -6.15 -29.04
CA SER C 166 -18.29 -5.39 -27.84
C SER C 166 -17.00 -5.82 -27.18
N ASN C 167 -16.37 -6.86 -27.72
CA ASN C 167 -15.12 -7.33 -27.14
C ASN C 167 -13.98 -6.45 -27.62
N GLU C 168 -14.21 -5.80 -28.77
CA GLU C 168 -13.22 -4.92 -29.39
C GLU C 168 -13.13 -3.56 -28.73
N TYR C 169 -13.84 -3.40 -27.61
CA TYR C 169 -13.83 -2.16 -26.84
C TYR C 169 -14.31 -2.51 -25.44
N GLN C 170 -14.02 -1.64 -24.47
CA GLN C 170 -14.43 -1.90 -23.09
C GLN C 170 -15.92 -1.64 -22.87
N LEU C 171 -16.64 -2.70 -22.49
CA LEU C 171 -18.08 -2.64 -22.27
C LEU C 171 -18.50 -3.52 -21.09
N ILE C 172 -19.24 -2.95 -20.15
CA ILE C 172 -19.71 -3.71 -18.99
C ILE C 172 -20.49 -4.97 -19.40
N ASP C 173 -20.62 -5.93 -18.48
CA ASP C 173 -21.33 -7.19 -18.76
C ASP C 173 -22.86 -7.12 -18.69
N CYS C 174 -23.38 -6.34 -17.76
CA CYS C 174 -24.82 -6.17 -17.59
C CYS C 174 -25.43 -5.39 -18.76
N ALA C 175 -24.64 -5.22 -19.81
CA ALA C 175 -25.05 -4.49 -21.00
C ALA C 175 -26.41 -4.97 -21.50
N GLN C 176 -26.42 -6.11 -22.19
CA GLN C 176 -27.64 -6.67 -22.73
C GLN C 176 -28.72 -6.85 -21.67
N TYR C 177 -28.35 -7.36 -20.50
CA TYR C 177 -29.34 -7.55 -19.43
C TYR C 177 -30.18 -6.33 -19.14
N PHE C 178 -29.55 -5.25 -18.67
CA PHE C 178 -30.24 -4.01 -18.35
C PHE C 178 -30.90 -3.31 -19.53
N LEU C 179 -30.21 -3.30 -20.67
CA LEU C 179 -30.75 -2.66 -21.86
C LEU C 179 -32.05 -3.33 -22.29
N ASP C 180 -32.19 -4.60 -21.99
CA ASP C 180 -33.40 -5.32 -22.35
C ASP C 180 -34.57 -5.00 -21.43
N LYS C 181 -34.37 -4.08 -20.50
CA LYS C 181 -35.44 -3.70 -19.59
C LYS C 181 -35.47 -2.22 -19.26
N ILE C 182 -35.36 -1.40 -20.31
CA ILE C 182 -35.38 0.05 -20.13
C ILE C 182 -36.78 0.43 -19.67
N ASP C 183 -37.76 -0.29 -20.22
CA ASP C 183 -39.17 -0.08 -19.95
C ASP C 183 -39.49 -0.22 -18.48
N VAL C 184 -38.69 -1.04 -17.79
CA VAL C 184 -38.90 -1.29 -16.38
C VAL C 184 -38.16 -0.30 -15.50
N ILE C 185 -36.88 -0.09 -15.81
CA ILE C 185 -36.03 0.79 -15.02
C ILE C 185 -36.49 2.25 -15.07
N LYS C 186 -37.17 2.63 -16.15
CA LYS C 186 -37.64 4.01 -16.29
C LYS C 186 -38.83 4.37 -15.40
N GLN C 187 -39.55 3.36 -14.90
CA GLN C 187 -40.71 3.60 -14.03
C GLN C 187 -40.26 4.31 -12.75
N ASP C 188 -41.10 5.20 -12.24
CA ASP C 188 -40.79 5.94 -11.02
C ASP C 188 -41.08 5.06 -9.82
N ASP C 189 -41.73 3.95 -10.09
CA ASP C 189 -42.11 2.97 -9.08
C ASP C 189 -41.18 1.77 -9.23
N TYR C 190 -40.20 1.91 -10.10
CA TYR C 190 -39.24 0.85 -10.35
C TYR C 190 -38.50 0.47 -9.06
N VAL C 191 -38.60 -0.82 -8.70
CA VAL C 191 -37.92 -1.36 -7.52
C VAL C 191 -37.06 -2.55 -7.96
N PRO C 192 -35.73 -2.38 -7.87
CA PRO C 192 -34.78 -3.42 -8.27
C PRO C 192 -35.05 -4.78 -7.65
N SER C 193 -35.00 -5.82 -8.46
CA SER C 193 -35.19 -7.18 -7.97
C SER C 193 -33.85 -7.63 -7.39
N ASP C 194 -33.77 -8.85 -6.86
CA ASP C 194 -32.49 -9.28 -6.33
C ASP C 194 -31.55 -9.56 -7.48
N GLN C 195 -32.11 -9.90 -8.63
CA GLN C 195 -31.27 -10.15 -9.77
C GLN C 195 -30.66 -8.85 -10.30
N ASP C 196 -31.39 -7.74 -10.23
CA ASP C 196 -30.86 -6.46 -10.71
C ASP C 196 -29.71 -5.92 -9.88
N LEU C 197 -29.50 -6.51 -8.71
CA LEU C 197 -28.42 -6.07 -7.84
C LEU C 197 -27.21 -6.93 -8.16
N LEU C 198 -27.44 -8.21 -8.36
CA LEU C 198 -26.37 -9.14 -8.71
C LEU C 198 -25.80 -8.73 -10.06
N ARG C 199 -26.61 -8.02 -10.83
CA ARG C 199 -26.24 -7.55 -12.16
C ARG C 199 -25.66 -6.15 -12.20
N CYS C 200 -26.05 -5.31 -11.23
CA CYS C 200 -25.54 -3.95 -11.17
C CYS C 200 -24.02 -4.04 -11.15
N ARG C 201 -23.36 -3.00 -11.65
CA ARG C 201 -21.91 -3.00 -11.68
C ARG C 201 -21.27 -1.73 -11.15
N VAL C 202 -20.53 -1.88 -10.06
CA VAL C 202 -19.83 -0.77 -9.45
C VAL C 202 -18.41 -1.23 -9.18
N LEU C 203 -17.43 -0.38 -9.49
CA LEU C 203 -16.03 -0.70 -9.28
C LEU C 203 -15.72 -0.63 -7.79
N THR C 204 -14.83 -1.53 -7.34
CA THR C 204 -14.44 -1.58 -5.95
C THR C 204 -13.08 -0.92 -5.77
N SER C 205 -12.99 -0.05 -4.77
CA SER C 205 -11.74 0.65 -4.47
C SER C 205 -11.47 0.53 -2.97
N GLY C 206 -10.50 -0.31 -2.61
CA GLY C 206 -10.16 -0.52 -1.22
C GLY C 206 -10.65 -1.87 -0.74
N ILE C 207 -10.61 -2.08 0.57
CA ILE C 207 -11.04 -3.36 1.12
C ILE C 207 -12.24 -3.19 2.03
N PHE C 208 -13.22 -4.06 1.85
CA PHE C 208 -14.44 -4.04 2.63
C PHE C 208 -14.70 -5.45 3.18
N GLU C 209 -15.00 -5.55 4.48
CA GLU C 209 -15.23 -6.85 5.10
C GLU C 209 -16.67 -7.21 5.45
N THR C 210 -17.19 -8.20 4.73
CA THR C 210 -18.56 -8.69 4.97
C THR C 210 -18.47 -9.84 5.95
N LYS C 211 -19.19 -9.72 7.07
CA LYS C 211 -19.17 -10.76 8.10
C LYS C 211 -20.52 -11.46 8.21
N PHE C 212 -20.62 -12.68 7.69
CA PHE C 212 -21.87 -13.43 7.80
C PHE C 212 -21.70 -14.69 8.64
N GLN C 213 -22.79 -15.41 8.84
CA GLN C 213 -22.76 -16.62 9.65
C GLN C 213 -23.57 -17.75 9.01
N VAL C 214 -23.09 -18.97 9.19
CA VAL C 214 -23.74 -20.15 8.62
C VAL C 214 -23.70 -21.33 9.62
N ASP C 215 -24.86 -21.82 10.02
CA ASP C 215 -24.94 -22.94 10.96
C ASP C 215 -24.05 -22.67 12.17
N LYS C 216 -24.18 -21.47 12.73
CA LYS C 216 -23.40 -21.06 13.90
C LYS C 216 -21.90 -21.20 13.69
N VAL C 217 -21.45 -20.74 12.51
CA VAL C 217 -20.04 -20.73 12.11
C VAL C 217 -19.85 -19.38 11.44
N ASN C 218 -18.79 -18.68 11.80
CA ASN C 218 -18.57 -17.36 11.24
C ASN C 218 -17.61 -17.30 10.06
N PHE C 219 -17.96 -16.45 9.11
CA PHE C 219 -17.14 -16.24 7.94
C PHE C 219 -16.90 -14.75 7.87
N HIS C 220 -15.74 -14.37 7.36
CA HIS C 220 -15.42 -12.96 7.17
C HIS C 220 -14.93 -12.84 5.76
N MET C 221 -15.84 -12.41 4.89
CA MET C 221 -15.57 -12.25 3.47
C MET C 221 -14.80 -10.97 3.25
N PHE C 222 -13.84 -11.03 2.32
CA PHE C 222 -12.99 -9.88 2.00
C PHE C 222 -12.97 -9.57 0.51
N ASP C 223 -13.48 -8.39 0.16
CA ASP C 223 -13.51 -7.98 -1.23
C ASP C 223 -12.51 -6.83 -1.45
N VAL C 224 -11.72 -6.96 -2.51
CA VAL C 224 -10.71 -5.99 -2.85
C VAL C 224 -10.84 -5.58 -4.32
N GLY C 225 -10.06 -4.59 -4.72
CA GLY C 225 -10.10 -4.12 -6.10
C GLY C 225 -9.34 -5.07 -7.02
N GLY C 226 -10.00 -5.56 -8.06
CA GLY C 226 -9.34 -6.46 -8.99
C GLY C 226 -8.41 -5.73 -9.94
N GLN C 227 -8.64 -4.43 -10.07
CA GLN C 227 -7.82 -3.58 -10.94
C GLN C 227 -6.36 -3.73 -10.51
N ARG C 228 -5.43 -3.20 -11.31
CA ARG C 228 -4.01 -3.34 -10.96
C ARG C 228 -3.56 -2.44 -9.83
N ASP C 229 -3.83 -1.15 -9.97
CA ASP C 229 -3.44 -0.16 -8.99
C ASP C 229 -4.03 -0.49 -7.63
N GLU C 230 -4.94 -1.45 -7.63
CA GLU C 230 -5.60 -1.88 -6.41
C GLU C 230 -4.86 -3.04 -5.75
N ARG C 231 -4.26 -3.90 -6.56
CA ARG C 231 -3.56 -5.08 -6.04
C ARG C 231 -2.58 -4.80 -4.91
N ARG C 232 -2.13 -3.55 -4.77
CA ARG C 232 -1.19 -3.20 -3.71
C ARG C 232 -1.77 -3.26 -2.31
N LYS C 233 -3.09 -3.25 -2.22
CA LYS C 233 -3.76 -3.29 -0.94
C LYS C 233 -4.08 -4.71 -0.49
N TRP C 234 -3.94 -5.67 -1.41
CA TRP C 234 -4.18 -7.10 -1.15
C TRP C 234 -3.37 -7.63 0.02
N ILE C 235 -2.06 -7.42 -0.06
CA ILE C 235 -1.10 -7.86 0.95
C ILE C 235 -1.58 -7.57 2.38
N GLN C 236 -2.33 -6.49 2.56
CA GLN C 236 -2.84 -6.11 3.87
C GLN C 236 -3.82 -7.12 4.46
N CYS C 237 -4.11 -8.18 3.70
CA CYS C 237 -5.04 -9.21 4.16
C CYS C 237 -4.39 -10.58 4.07
N PHE C 238 -3.19 -10.62 3.52
CA PHE C 238 -2.48 -11.88 3.36
C PHE C 238 -2.21 -12.59 4.67
N ASN C 239 -1.76 -11.86 5.68
CA ASN C 239 -1.48 -12.52 6.94
C ASN C 239 -2.69 -13.06 7.67
N ASP C 240 -2.69 -14.38 7.91
CA ASP C 240 -3.77 -15.05 8.61
C ASP C 240 -5.09 -15.00 7.86
N VAL C 241 -5.18 -15.89 6.88
CA VAL C 241 -6.36 -16.01 6.05
C VAL C 241 -6.57 -17.50 5.87
N THR C 242 -7.80 -17.94 6.13
CA THR C 242 -8.16 -19.33 5.99
C THR C 242 -7.84 -19.81 4.56
N ALA C 243 -8.53 -19.24 3.58
CA ALA C 243 -8.28 -19.64 2.20
C ALA C 243 -8.56 -18.52 1.22
N ILE C 244 -8.16 -18.74 -0.02
CA ILE C 244 -8.33 -17.78 -1.08
C ILE C 244 -9.35 -18.22 -2.10
N ILE C 245 -10.26 -17.33 -2.42
CA ILE C 245 -11.28 -17.59 -3.41
C ILE C 245 -10.78 -16.81 -4.61
N PHE C 246 -10.21 -17.51 -5.58
CA PHE C 246 -9.70 -16.84 -6.76
C PHE C 246 -10.78 -16.84 -7.80
N VAL C 247 -11.11 -15.67 -8.33
CA VAL C 247 -12.15 -15.55 -9.33
C VAL C 247 -11.61 -15.35 -10.75
N VAL C 248 -12.24 -16.03 -11.71
CA VAL C 248 -11.80 -15.92 -13.09
C VAL C 248 -12.98 -15.74 -14.05
N ALA C 249 -12.82 -14.79 -14.97
CA ALA C 249 -13.83 -14.48 -15.95
C ALA C 249 -13.69 -15.43 -17.12
N SER C 250 -14.16 -16.65 -16.93
CA SER C 250 -14.10 -17.72 -17.91
C SER C 250 -14.60 -17.39 -19.32
N SER C 251 -15.35 -16.29 -19.45
CA SER C 251 -15.91 -15.90 -20.75
C SER C 251 -15.07 -14.82 -21.44
N SER C 252 -14.32 -14.08 -20.63
CA SER C 252 -13.49 -12.97 -21.10
C SER C 252 -12.19 -13.43 -21.75
N TYR C 253 -12.25 -14.45 -22.58
CA TYR C 253 -11.03 -14.93 -23.21
C TYR C 253 -10.72 -14.18 -24.48
N ASN C 254 -11.73 -13.50 -25.02
CA ASN C 254 -11.56 -12.74 -26.25
C ASN C 254 -11.65 -11.25 -26.02
N MET C 255 -11.18 -10.81 -24.85
CA MET C 255 -11.21 -9.40 -24.47
C MET C 255 -9.89 -8.98 -23.85
N VAL C 256 -9.68 -7.66 -23.72
CA VAL C 256 -8.45 -7.15 -23.13
C VAL C 256 -8.84 -6.33 -21.91
N ILE C 257 -7.91 -6.15 -20.97
CA ILE C 257 -8.21 -5.38 -19.76
C ILE C 257 -8.35 -3.89 -19.98
N ARG C 258 -9.02 -3.23 -19.05
CA ARG C 258 -9.24 -1.78 -19.11
C ARG C 258 -7.94 -1.01 -18.84
N GLU C 259 -7.06 -1.61 -18.03
CA GLU C 259 -5.78 -1.01 -17.65
C GLU C 259 -4.83 -0.60 -18.77
N ASP C 260 -4.77 -1.37 -19.86
CA ASP C 260 -3.87 -1.05 -20.97
C ASP C 260 -4.42 -1.42 -22.36
N ASN C 261 -5.62 -1.97 -22.41
CA ASN C 261 -6.24 -2.35 -23.66
C ASN C 261 -5.36 -3.17 -24.60
N GLN C 262 -4.69 -4.18 -24.04
CA GLN C 262 -3.84 -5.08 -24.80
C GLN C 262 -3.68 -6.44 -24.13
N THR C 263 -3.48 -6.43 -22.82
CA THR C 263 -3.34 -7.68 -22.10
C THR C 263 -4.65 -8.43 -22.08
N ASN C 264 -4.64 -9.64 -22.62
CA ASN C 264 -5.80 -10.53 -22.66
C ASN C 264 -6.35 -10.72 -21.24
N ARG C 265 -7.63 -10.45 -21.06
CA ARG C 265 -8.27 -10.57 -19.75
C ARG C 265 -8.03 -11.91 -19.09
N LEU C 266 -8.01 -12.96 -19.88
CA LEU C 266 -7.79 -14.29 -19.37
C LEU C 266 -6.33 -14.45 -19.00
N GLN C 267 -5.44 -14.13 -19.93
CA GLN C 267 -4.01 -14.23 -19.66
C GLN C 267 -3.68 -13.45 -18.40
N GLU C 268 -4.25 -12.25 -18.26
CA GLU C 268 -4.02 -11.45 -17.06
C GLU C 268 -4.45 -12.28 -15.85
N ALA C 269 -5.65 -12.86 -15.91
CA ALA C 269 -6.14 -13.67 -14.81
C ALA C 269 -5.19 -14.84 -14.49
N LEU C 270 -4.44 -15.28 -15.51
CA LEU C 270 -3.50 -16.39 -15.35
C LEU C 270 -2.22 -15.98 -14.63
N ASN C 271 -1.59 -14.92 -15.11
CA ASN C 271 -0.36 -14.45 -14.52
C ASN C 271 -0.63 -13.96 -13.11
N LEU C 272 -1.86 -13.53 -12.88
CA LEU C 272 -2.27 -13.05 -11.57
C LEU C 272 -2.39 -14.25 -10.63
N PHE C 273 -2.94 -15.34 -11.16
CA PHE C 273 -3.10 -16.58 -10.39
C PHE C 273 -1.74 -17.17 -10.11
N LYS C 274 -0.88 -17.16 -11.13
CA LYS C 274 0.46 -17.68 -10.97
C LYS C 274 1.17 -16.88 -9.88
N SER C 275 0.94 -15.57 -9.86
CA SER C 275 1.54 -14.67 -8.88
C SER C 275 1.10 -14.97 -7.45
N ILE C 276 -0.16 -15.38 -7.31
CA ILE C 276 -0.72 -15.72 -6.00
C ILE C 276 -0.29 -17.11 -5.57
N TRP C 277 -0.47 -18.08 -6.45
CA TRP C 277 -0.12 -19.45 -6.16
C TRP C 277 1.34 -19.61 -5.78
N ASN C 278 2.21 -18.90 -6.50
CA ASN C 278 3.65 -18.96 -6.26
C ASN C 278 4.10 -17.80 -5.38
N ASN C 279 3.24 -17.38 -4.47
CA ASN C 279 3.57 -16.27 -3.59
C ASN C 279 4.40 -16.71 -2.39
N ARG C 280 5.32 -15.87 -1.94
CA ARG C 280 6.19 -16.21 -0.80
C ARG C 280 5.46 -16.13 0.53
N TRP C 281 4.19 -15.73 0.49
CA TRP C 281 3.39 -15.62 1.69
C TRP C 281 2.10 -16.43 1.60
N LEU C 282 1.96 -17.19 0.51
CA LEU C 282 0.77 -18.01 0.28
C LEU C 282 1.15 -19.43 -0.13
N ARG C 283 2.36 -19.84 0.26
CA ARG C 283 2.92 -21.16 -0.04
C ARG C 283 2.26 -22.31 0.71
N THR C 284 1.28 -21.99 1.56
CA THR C 284 0.54 -22.99 2.32
C THR C 284 -0.94 -22.68 2.34
N ILE C 285 -1.31 -21.48 1.88
CA ILE C 285 -2.71 -21.10 1.84
C ILE C 285 -3.35 -21.67 0.60
N SER C 286 -4.43 -22.43 0.77
CA SER C 286 -5.11 -23.06 -0.35
C SER C 286 -6.03 -22.13 -1.13
N VAL C 287 -6.03 -22.33 -2.43
CA VAL C 287 -6.82 -21.52 -3.33
C VAL C 287 -8.06 -22.22 -3.84
N ILE C 288 -9.22 -21.60 -3.64
CA ILE C 288 -10.46 -22.17 -4.17
C ILE C 288 -10.75 -21.37 -5.43
N LEU C 289 -10.32 -21.94 -6.56
CA LEU C 289 -10.46 -21.35 -7.87
C LEU C 289 -11.92 -21.36 -8.34
N PHE C 290 -12.45 -20.17 -8.60
CA PHE C 290 -13.82 -20.02 -9.07
C PHE C 290 -13.80 -19.63 -10.53
N LEU C 291 -14.02 -20.58 -11.42
CA LEU C 291 -14.04 -20.24 -12.82
C LEU C 291 -15.46 -19.73 -13.06
N ASN C 292 -15.60 -18.42 -13.11
CA ASN C 292 -16.89 -17.79 -13.26
C ASN C 292 -17.36 -17.46 -14.68
N LYS C 293 -18.57 -16.92 -14.80
CA LYS C 293 -19.16 -16.55 -16.08
C LYS C 293 -19.22 -17.70 -17.09
N GLN C 294 -19.53 -18.90 -16.60
CA GLN C 294 -19.63 -20.09 -17.44
C GLN C 294 -20.72 -19.87 -18.49
N ASP C 295 -21.81 -19.26 -18.07
CA ASP C 295 -22.93 -18.96 -18.95
C ASP C 295 -22.45 -18.12 -20.14
N LEU C 296 -21.85 -16.97 -19.84
CA LEU C 296 -21.34 -16.09 -20.90
C LEU C 296 -20.34 -16.87 -21.77
N LEU C 297 -19.66 -17.82 -21.14
CA LEU C 297 -18.68 -18.63 -21.86
C LEU C 297 -19.38 -19.52 -22.87
N ALA C 298 -20.28 -20.36 -22.39
CA ALA C 298 -21.01 -21.29 -23.25
C ALA C 298 -21.61 -20.61 -24.48
N GLU C 299 -22.24 -19.47 -24.29
CA GLU C 299 -22.83 -18.77 -25.40
C GLU C 299 -21.76 -18.49 -26.45
N LYS C 300 -20.62 -17.96 -26.01
CA LYS C 300 -19.52 -17.64 -26.91
C LYS C 300 -19.03 -18.87 -27.65
N VAL C 301 -18.95 -19.99 -26.93
CA VAL C 301 -18.48 -21.24 -27.48
C VAL C 301 -19.43 -21.77 -28.57
N LEU C 302 -20.71 -21.79 -28.24
CA LEU C 302 -21.73 -22.25 -29.17
C LEU C 302 -21.88 -21.27 -30.32
N ALA C 303 -21.99 -19.98 -29.98
CA ALA C 303 -22.12 -18.93 -31.00
C ALA C 303 -21.04 -19.18 -32.05
N GLY C 304 -19.82 -19.45 -31.59
CA GLY C 304 -18.71 -19.74 -32.47
C GLY C 304 -18.15 -18.60 -33.30
N LYS C 305 -18.50 -17.36 -32.95
CA LYS C 305 -17.99 -16.22 -33.72
C LYS C 305 -16.50 -16.02 -33.51
N SER C 306 -16.01 -16.18 -32.29
CA SER C 306 -14.58 -16.02 -32.04
C SER C 306 -14.03 -17.33 -31.46
N LYS C 307 -13.37 -18.09 -32.32
CA LYS C 307 -12.78 -19.37 -31.94
C LYS C 307 -11.70 -19.20 -30.88
N ILE C 308 -11.66 -20.12 -29.92
CA ILE C 308 -10.68 -20.05 -28.87
C ILE C 308 -9.26 -20.31 -29.37
N GLU C 309 -9.10 -21.29 -30.25
CA GLU C 309 -7.78 -21.60 -30.75
C GLU C 309 -7.21 -20.49 -31.63
N ASP C 310 -7.81 -19.31 -31.52
CA ASP C 310 -7.34 -18.17 -32.27
C ASP C 310 -6.81 -17.15 -31.27
N TYR C 311 -7.19 -17.33 -30.00
CA TYR C 311 -6.73 -16.46 -28.92
C TYR C 311 -5.75 -17.27 -28.07
N PHE C 312 -6.01 -18.57 -27.96
CA PHE C 312 -5.14 -19.49 -27.21
C PHE C 312 -4.94 -20.69 -28.13
N PRO C 313 -3.95 -20.62 -29.03
CA PRO C 313 -3.61 -21.66 -30.00
C PRO C 313 -3.44 -23.06 -29.42
N GLU C 314 -2.99 -23.13 -28.16
CA GLU C 314 -2.79 -24.42 -27.51
C GLU C 314 -4.11 -25.18 -27.38
N PHE C 315 -5.22 -24.51 -27.65
CA PHE C 315 -6.52 -25.13 -27.56
C PHE C 315 -6.76 -26.12 -28.69
N ALA C 316 -6.17 -25.86 -29.85
CA ALA C 316 -6.32 -26.75 -30.99
C ALA C 316 -5.85 -28.17 -30.68
N ARG C 317 -4.75 -28.28 -29.93
CA ARG C 317 -4.20 -29.58 -29.57
C ARG C 317 -4.87 -30.18 -28.34
N TYR C 318 -5.85 -29.48 -27.80
CA TYR C 318 -6.54 -29.95 -26.60
C TYR C 318 -7.74 -30.86 -26.85
N THR C 319 -7.81 -31.93 -26.09
CA THR C 319 -8.90 -32.89 -26.19
C THR C 319 -9.54 -32.97 -24.82
N THR C 320 -10.86 -33.09 -24.78
CA THR C 320 -11.60 -33.15 -23.53
C THR C 320 -11.11 -34.25 -22.58
N PRO C 321 -11.06 -33.95 -21.26
CA PRO C 321 -10.63 -34.83 -20.17
C PRO C 321 -11.24 -36.21 -20.06
N GLU C 322 -10.88 -36.89 -18.97
CA GLU C 322 -11.34 -38.24 -18.64
C GLU C 322 -12.29 -38.13 -17.46
N ASP C 323 -11.84 -37.42 -16.42
CA ASP C 323 -12.62 -37.21 -15.21
C ASP C 323 -13.73 -36.18 -15.42
N ALA C 324 -13.86 -35.73 -16.65
CA ALA C 324 -14.85 -34.74 -17.05
C ALA C 324 -16.26 -35.16 -16.66
N THR C 325 -16.91 -34.33 -15.85
CA THR C 325 -18.27 -34.59 -15.40
C THR C 325 -19.13 -33.43 -15.90
N PRO C 326 -19.49 -33.45 -17.20
CA PRO C 326 -20.30 -32.42 -17.85
C PRO C 326 -21.70 -32.32 -17.23
N GLU C 327 -22.17 -31.09 -17.00
CA GLU C 327 -23.49 -30.87 -16.43
C GLU C 327 -24.56 -31.43 -17.35
N PRO C 328 -25.72 -31.80 -16.79
CA PRO C 328 -26.85 -32.36 -17.55
C PRO C 328 -27.13 -31.57 -18.83
N GLY C 329 -27.09 -32.26 -19.97
CA GLY C 329 -27.37 -31.60 -21.23
C GLY C 329 -26.40 -30.46 -21.50
N GLU C 330 -25.15 -30.82 -21.77
CA GLU C 330 -24.12 -29.84 -22.03
C GLU C 330 -23.35 -30.19 -23.30
N ASP C 331 -23.36 -29.27 -24.25
CA ASP C 331 -22.68 -29.46 -25.52
C ASP C 331 -21.21 -29.82 -25.30
N PRO C 332 -20.75 -30.92 -25.92
CA PRO C 332 -19.36 -31.35 -25.78
C PRO C 332 -18.39 -30.21 -26.08
N ARG C 333 -18.78 -29.34 -27.00
CA ARG C 333 -17.96 -28.21 -27.36
C ARG C 333 -17.71 -27.33 -26.12
N VAL C 334 -18.77 -27.10 -25.34
CA VAL C 334 -18.67 -26.31 -24.12
C VAL C 334 -17.81 -27.06 -23.12
N THR C 335 -18.22 -28.29 -22.81
CA THR C 335 -17.49 -29.13 -21.86
C THR C 335 -16.01 -28.99 -22.16
N ARG C 336 -15.65 -29.27 -23.42
CA ARG C 336 -14.27 -29.19 -23.84
C ARG C 336 -13.66 -27.83 -23.45
N ALA C 337 -14.32 -26.76 -23.88
CA ALA C 337 -13.83 -25.40 -23.61
C ALA C 337 -13.61 -25.06 -22.13
N LYS C 338 -14.64 -25.21 -21.31
CA LYS C 338 -14.56 -24.87 -19.89
C LYS C 338 -13.46 -25.63 -19.15
N TYR C 339 -13.28 -26.92 -19.46
CA TYR C 339 -12.24 -27.71 -18.80
C TYR C 339 -10.87 -27.28 -19.28
N PHE C 340 -10.80 -26.71 -20.48
CA PHE C 340 -9.55 -26.23 -21.03
C PHE C 340 -9.09 -25.16 -20.10
N ILE C 341 -9.94 -24.15 -19.99
CA ILE C 341 -9.71 -23.00 -19.13
C ILE C 341 -9.35 -23.40 -17.71
N ARG C 342 -9.95 -24.49 -17.23
CA ARG C 342 -9.66 -24.95 -15.88
C ARG C 342 -8.28 -25.57 -15.81
N ASP C 343 -7.94 -26.42 -16.77
CA ASP C 343 -6.65 -27.08 -16.74
C ASP C 343 -5.56 -26.05 -16.91
N GLU C 344 -5.84 -25.03 -17.69
CA GLU C 344 -4.87 -23.96 -17.88
C GLU C 344 -4.42 -23.49 -16.49
N PHE C 345 -5.39 -23.33 -15.60
CA PHE C 345 -5.11 -22.89 -14.25
C PHE C 345 -4.47 -23.99 -13.45
N LEU C 346 -4.84 -25.24 -13.75
CA LEU C 346 -4.30 -26.38 -13.01
C LEU C 346 -2.81 -26.61 -13.27
N ARG C 347 -2.35 -26.23 -14.46
CA ARG C 347 -0.93 -26.39 -14.76
C ARG C 347 -0.13 -25.45 -13.88
N ILE C 348 -0.69 -24.30 -13.58
CA ILE C 348 -0.02 -23.33 -12.72
C ILE C 348 0.16 -23.92 -11.33
N SER C 349 -0.93 -24.50 -10.81
CA SER C 349 -0.95 -25.08 -9.46
C SER C 349 -0.32 -26.45 -9.35
N THR C 350 -0.06 -27.09 -10.48
CA THR C 350 0.56 -28.40 -10.47
C THR C 350 2.08 -28.26 -10.45
N ALA C 351 2.58 -27.19 -11.06
CA ALA C 351 4.02 -26.92 -11.12
C ALA C 351 4.63 -26.94 -9.73
N SER C 352 4.27 -25.96 -8.90
CA SER C 352 4.81 -25.88 -7.55
C SER C 352 3.79 -26.24 -6.49
N GLY C 353 3.97 -25.68 -5.30
CA GLY C 353 3.05 -25.94 -4.20
C GLY C 353 3.56 -27.01 -3.27
N ASP C 354 4.11 -28.09 -3.84
CA ASP C 354 4.66 -29.22 -3.07
C ASP C 354 3.72 -29.73 -1.99
N GLY C 355 2.44 -29.85 -2.34
CA GLY C 355 1.47 -30.35 -1.40
C GLY C 355 1.40 -29.62 -0.07
N ARG C 356 1.84 -28.37 -0.03
CA ARG C 356 1.78 -27.59 1.19
C ARG C 356 0.45 -26.84 1.20
N HIS C 357 -0.07 -26.62 -0.01
CA HIS C 357 -1.36 -25.98 -0.22
C HIS C 357 -1.94 -26.61 -1.49
N TYR C 358 -3.25 -26.59 -1.62
CA TYR C 358 -3.91 -27.18 -2.79
C TYR C 358 -4.83 -26.23 -3.51
N CYS C 359 -5.26 -26.65 -4.70
CA CYS C 359 -6.14 -25.84 -5.52
C CYS C 359 -7.46 -26.56 -5.88
N TYR C 360 -8.58 -26.05 -5.39
CA TYR C 360 -9.88 -26.66 -5.68
C TYR C 360 -10.74 -25.83 -6.66
N PRO C 361 -10.67 -26.15 -7.95
CA PRO C 361 -11.46 -25.41 -8.94
C PRO C 361 -12.96 -25.60 -8.80
N HIS C 362 -13.71 -24.76 -9.51
CA HIS C 362 -15.18 -24.78 -9.52
C HIS C 362 -15.65 -24.04 -10.77
N PHE C 363 -16.71 -24.54 -11.40
CA PHE C 363 -17.28 -23.89 -12.57
C PHE C 363 -18.49 -23.13 -12.06
N THR C 364 -18.25 -21.92 -11.56
CA THR C 364 -19.30 -21.11 -10.96
C THR C 364 -19.90 -20.02 -11.85
N CYS C 365 -21.05 -19.51 -11.39
CA CYS C 365 -21.82 -18.45 -12.07
C CYS C 365 -22.37 -17.52 -10.99
N ALA C 366 -21.56 -16.52 -10.61
CA ALA C 366 -21.91 -15.57 -9.56
C ALA C 366 -23.29 -14.94 -9.61
N VAL C 367 -23.88 -14.80 -10.79
CA VAL C 367 -25.21 -14.18 -10.86
C VAL C 367 -26.30 -15.13 -10.44
N ASP C 368 -26.02 -16.44 -10.51
CA ASP C 368 -26.99 -17.46 -10.14
C ASP C 368 -26.93 -17.78 -8.65
N THR C 369 -27.87 -17.25 -7.87
CA THR C 369 -27.86 -17.51 -6.43
C THR C 369 -28.00 -18.98 -6.15
N GLU C 370 -28.38 -19.73 -7.17
CA GLU C 370 -28.60 -21.17 -7.05
C GLU C 370 -27.28 -21.94 -7.17
N ASN C 371 -26.45 -21.50 -8.11
CA ASN C 371 -25.15 -22.10 -8.34
C ASN C 371 -24.20 -21.69 -7.22
N ILE C 372 -24.30 -20.43 -6.78
CA ILE C 372 -23.45 -19.94 -5.70
C ILE C 372 -23.80 -20.61 -4.38
N ARG C 373 -25.09 -20.83 -4.12
CA ARG C 373 -25.47 -21.49 -2.88
C ARG C 373 -24.81 -22.86 -2.87
N ARG C 374 -24.88 -23.55 -4.00
CA ARG C 374 -24.30 -24.85 -4.14
C ARG C 374 -22.78 -24.86 -3.91
N VAL C 375 -22.03 -24.21 -4.80
CA VAL C 375 -20.58 -24.16 -4.67
C VAL C 375 -20.07 -23.65 -3.34
N PHE C 376 -20.72 -22.65 -2.75
CA PHE C 376 -20.24 -22.16 -1.47
C PHE C 376 -20.26 -23.27 -0.43
N ASN C 377 -21.06 -24.30 -0.68
CA ASN C 377 -21.13 -25.42 0.25
C ASN C 377 -20.00 -26.40 0.00
N ASP C 378 -19.63 -26.55 -1.26
CA ASP C 378 -18.55 -27.45 -1.64
C ASP C 378 -17.26 -26.84 -1.10
N CYS C 379 -17.35 -25.57 -0.73
CA CYS C 379 -16.21 -24.85 -0.18
C CYS C 379 -16.23 -25.06 1.32
N ARG C 380 -17.35 -24.74 1.93
CA ARG C 380 -17.51 -24.90 3.36
C ARG C 380 -17.09 -26.31 3.78
N ASP C 381 -17.28 -27.26 2.88
CA ASP C 381 -16.89 -28.64 3.15
C ASP C 381 -15.37 -28.69 3.22
N ILE C 382 -14.73 -28.21 2.16
CA ILE C 382 -13.27 -28.19 2.08
C ILE C 382 -12.64 -27.52 3.29
N ILE C 383 -13.24 -26.41 3.75
CA ILE C 383 -12.72 -25.68 4.89
C ILE C 383 -12.76 -26.55 6.15
N GLN C 384 -13.73 -27.47 6.20
CA GLN C 384 -13.85 -28.35 7.36
C GLN C 384 -13.03 -29.61 7.11
N ARG C 385 -13.32 -30.28 5.99
CA ARG C 385 -12.62 -31.51 5.62
C ARG C 385 -11.10 -31.39 5.66
N MET C 386 -10.59 -30.23 5.26
CA MET C 386 -9.16 -30.02 5.26
C MET C 386 -8.67 -29.44 6.57
N HIS C 387 -9.60 -29.16 7.48
CA HIS C 387 -9.27 -28.61 8.77
C HIS C 387 -8.44 -27.36 8.57
N LEU C 388 -8.96 -26.46 7.74
CA LEU C 388 -8.28 -25.21 7.42
C LEU C 388 -8.73 -24.11 8.39
MG MG D . 16.63 16.39 14.17
MG MG E . 16.94 21.70 16.10
C1 FOK F . 7.75 7.82 13.89
O2 FOK F . 8.14 6.44 13.85
C2 FOK F . 8.73 8.52 14.87
C3 FOK F . 10.09 8.71 14.23
C4 FOK F . 10.18 9.42 12.82
C5 FOK F . 9.35 8.62 11.89
C6 FOK F . 9.39 9.18 10.40
O3 FOK F . 8.99 10.55 10.24
C7 FOK F . 8.59 8.28 9.43
O4 FOK F . 8.62 8.83 8.07
C8 FOK F . 7.09 8.04 9.80
O1 FOK F . 6.66 7.01 8.87
C9 FOK F . 7.07 7.47 11.30
O6 FOK F . 7.85 6.26 11.20
C10 FOK F . 7.79 8.42 12.41
C11 FOK F . 5.59 6.99 11.53
O7 FOK F . 4.82 7.37 12.69
C12 FOK F . 4.98 6.03 10.51
C13 FOK F . 5.47 6.12 9.04
C14 FOK F . 5.89 4.73 8.65
C15 FOK F . 6.98 4.16 8.83
C16 FOK F . 4.33 6.52 8.16
C17 FOK F . 6.29 9.35 9.50
C18 FOK F . 11.69 9.39 12.44
C19 FOK F . 9.86 10.94 13.00
C20 FOK F . 6.97 9.76 12.62
C21 FOK F . 9.69 8.59 7.27
O5 FOK F . 10.19 7.50 7.13
C22 FOK F . 10.15 9.87 6.56
CA7 ONM G . 28.87 20.23 11.41
NA1 ONM G . 27.83 19.22 11.77
CA6 ONM G . 27.94 18.20 12.69
CA5 ONM G . 29.20 17.96 13.50
CA4 ONM G . 29.34 16.78 14.58
CA3 ONM G . 28.15 15.97 14.71
CA2 ONM G . 26.88 16.27 13.85
CA1 ONM G . 26.81 17.34 12.90
CA ONM G . 25.46 17.49 12.13
OA ONM G . 25.40 18.21 10.85
O3' ONM G . 24.31 16.96 12.67
C3' ONM G . 22.97 17.03 12.06
C2' ONM G . 22.56 15.62 11.61
O2' ONM G . 23.67 14.83 11.15
C4' ONM G . 21.83 17.41 13.08
C5' ONM G . 20.51 18.17 12.77
O5' ONM G . 20.15 18.47 11.42
PA ONM G . 18.57 18.38 10.93
O3A ONM G . 18.79 18.28 9.30
O2A ONM G . 18.00 17.11 11.51
O1A ONM G . 17.93 19.86 11.20
PB ONM G . 17.31 20.29 12.67
O3B ONM G . 17.16 18.89 13.54
O2B ONM G . 15.88 20.71 12.58
O1B ONM G . 18.25 21.12 13.54
PG ONM G . 18.39 22.48 12.78
O2G ONM G . 19.84 23.02 12.39
O3G ONM G . 17.12 23.42 12.42
O1G ONM G . 18.02 23.15 14.06
O4' ONM G . 21.52 16.18 13.74
C1' ONM G . 21.98 15.08 12.90
N9 ONM G . 20.97 13.99 12.82
C8 ONM G . 19.70 13.98 12.37
N7 ONM G . 19.20 12.74 12.44
C5 ONM G . 20.16 11.94 12.90
C4 ONM G . 21.29 12.73 13.12
N3 ONM G . 22.47 12.19 13.59
C2 ONM G . 22.62 10.86 13.87
N2 ONM G . 23.77 10.40 14.32
N1 ONM G . 21.52 10.00 13.67
C6 ONM G . 20.29 10.53 13.18
O6 ONM G . 19.37 9.74 13.03
MG MG H . -15.00 -5.66 -6.50
CL CL I . -10.75 -11.99 -14.89
PG GSP J . -13.94 -4.91 -9.01
O3B GSP J . -14.42 -6.14 -9.99
S1G GSP J . -12.97 -3.80 -10.18
O2G GSP J . -15.28 -4.50 -8.49
O3G GSP J . -12.84 -5.33 -8.08
PB GSP J . -15.34 -7.42 -9.44
O1B GSP J . -14.35 -8.47 -9.41
O2B GSP J . -16.07 -7.28 -8.14
PA GSP J . -18.07 -7.52 -10.23
O1A GSP J . -18.50 -8.50 -9.20
O2A GSP J . -18.31 -6.04 -10.09
O3A GSP J . -16.53 -7.70 -10.52
O5' GSP J . -18.78 -7.97 -11.64
C5' GSP J . -18.64 -7.25 -12.90
C4' GSP J . -19.90 -7.50 -13.71
O4' GSP J . -20.01 -8.93 -14.05
C3' GSP J . -21.21 -7.19 -12.90
O3' GSP J . -22.02 -6.32 -13.73
C2' GSP J . -21.90 -8.61 -12.70
O2' GSP J . -23.33 -8.52 -12.76
C1' GSP J . -21.35 -9.45 -13.87
N9 GSP J . -21.15 -10.90 -13.57
C8 GSP J . -20.47 -11.58 -12.58
N7 GSP J . -20.51 -12.87 -12.64
C5 GSP J . -21.30 -13.09 -13.77
C6 GSP J . -21.70 -14.36 -14.34
O6 GSP J . -21.36 -15.44 -13.86
N1 GSP J . -22.50 -14.15 -15.47
C2 GSP J . -22.88 -12.90 -16.00
N2 GSP J . -23.64 -12.84 -17.06
N3 GSP J . -22.49 -11.72 -15.44
C4 GSP J . -21.70 -11.89 -14.32
#